data_5RL6
#
_entry.id   5RL6
#
_cell.length_a   59.363
_cell.length_b   70.300
_cell.length_c   85.934
_cell.angle_alpha   103.230
_cell.angle_beta   96.430
_cell.angle_gamma   112.230
#
_symmetry.space_group_name_H-M   'P 1'
#
loop_
_entity.id
_entity.type
_entity.pdbx_description
1 polymer Helicase
2 non-polymer 'ZINC ION'
3 non-polymer 'PHOSPHATE ION'
4 non-polymer N-[3-(carbamoylamino)phenyl]acetamide
5 water water
#
_entity_poly.entity_id   1
_entity_poly.type   'polypeptide(L)'
_entity_poly.pdbx_seq_one_letter_code
;AVGACVLCNSQTSLRCGACIRRPFLCCKCCYDHVISTSHKLVLSVNPYVCNAPGCDVTDVTQLYLGGMSYYCKSHKPPIS
FPLCANGQVFGLYKNTCVGSDNVTDFNAIATCDWTNAGDYILANTCTERLKLFAAETLKATEETFKLSYGIATVREVLSD
RELHLSWEVGKPRPPLNRNYVFTGYRVTKNSKVQIGEYTFEKGDYGDAVVYRGTTTYKLNVGDYFVLTSHTVMPLSAPTL
VPQEHYVRITGLYPTLNISDEFSSNVANYQKVGMQKYSTLQGPPGTGKSHFAIGLALYYPSARIVYTACSHAAVDALCEK
ALKYLPIDKCSRIIPARARVECFDKFKVNSTLEQYVFCTVNALPETTADIVVFDEISMATNYDLSVVNARLRAKHYVYIG
DPAQLPAPRTLLTKGTLEPEYFNSVCRLMKTIGPDMFLGTCRRCPAEIVDTVSALVYDNKLKAHKDKSAQCFKMFYKGVI
THDVSSAINRPQIGVVREFLTRNPAWRKAVFISPYNSQNAVASKILGLPTQTVDSSQGSEYDYVIFTQTTETAHSCNVNR
FNVAITRAKVGILCIMSDRDLYDKLQFTSLEIPRRNVATLQ
;
_entity_poly.pdbx_strand_id   A,B
#
loop_
_chem_comp.id
_chem_comp.type
_chem_comp.name
_chem_comp.formula
LJA non-polymer N-[3-(carbamoylamino)phenyl]acetamide 'C9 H11 N3 O2'
PO4 non-polymer 'PHOSPHATE ION' 'O4 P -3'
ZN non-polymer 'ZINC ION' 'Zn 2'
#
# COMPACT_ATOMS: atom_id res chain seq x y z
N ALA A 1 -7.61 -9.13 24.12
CA ALA A 1 -7.81 -9.45 25.53
C ALA A 1 -7.27 -10.83 25.93
N VAL A 2 -7.12 -11.75 24.96
CA VAL A 2 -6.62 -13.11 25.23
C VAL A 2 -5.34 -13.39 24.42
N GLY A 3 -4.33 -14.00 25.06
CA GLY A 3 -3.09 -14.31 24.36
C GLY A 3 -2.05 -15.10 25.12
N ALA A 4 -0.81 -15.11 24.58
CA ALA A 4 0.32 -15.85 25.13
C ALA A 4 1.43 -14.97 25.76
N CYS A 5 2.00 -15.47 26.86
CA CYS A 5 3.02 -14.85 27.68
C CYS A 5 4.30 -14.59 26.87
N VAL A 6 4.81 -13.35 26.88
CA VAL A 6 6.01 -13.02 26.13
C VAL A 6 7.23 -13.76 26.68
N LEU A 7 7.28 -14.08 27.97
CA LEU A 7 8.43 -14.75 28.57
C LEU A 7 8.40 -16.28 28.54
N CYS A 8 7.22 -16.90 28.72
CA CYS A 8 7.16 -18.37 28.75
C CYS A 8 6.12 -18.97 27.81
N ASN A 9 5.32 -18.15 27.14
CA ASN A 9 4.30 -18.56 26.18
C ASN A 9 3.07 -19.19 26.81
N SER A 10 3.02 -19.35 28.17
CA SER A 10 1.84 -19.89 28.86
C SER A 10 0.65 -18.95 28.61
N GLN A 11 -0.51 -19.50 28.24
CA GLN A 11 -1.68 -18.66 27.95
C GLN A 11 -2.09 -17.82 29.17
N THR A 12 -2.58 -16.60 28.89
CA THR A 12 -3.03 -15.65 29.90
C THR A 12 -4.00 -14.61 29.36
N SER A 13 -4.79 -14.03 30.28
CA SER A 13 -5.67 -12.89 30.11
C SER A 13 -4.91 -11.60 30.61
N LEU A 14 -3.91 -11.80 31.54
CA LEU A 14 -3.02 -10.81 32.15
C LEU A 14 -2.06 -10.16 31.15
N ARG A 15 -2.09 -8.83 31.10
CA ARG A 15 -1.20 -7.95 30.33
C ARG A 15 -0.58 -6.93 31.34
N CYS A 16 0.49 -6.21 30.93
CA CYS A 16 0.99 -5.13 31.77
C CYS A 16 0.45 -3.79 31.27
N GLY A 17 -0.29 -3.12 32.12
CA GLY A 17 -0.81 -1.79 31.81
C GLY A 17 0.28 -0.71 31.89
N ALA A 18 1.40 -1.00 32.57
CA ALA A 18 2.48 -0.02 32.68
C ALA A 18 3.50 -0.09 31.50
N CYS A 19 3.62 -1.25 30.82
CA CYS A 19 4.46 -1.38 29.62
C CYS A 19 3.79 -0.62 28.48
N ILE A 20 4.56 0.17 27.74
CA ILE A 20 4.13 0.92 26.56
C ILE A 20 3.47 0.00 25.48
N ARG A 21 3.82 -1.31 25.48
CA ARG A 21 3.27 -2.23 24.49
C ARG A 21 2.30 -3.31 25.07
N ARG A 22 1.91 -3.18 26.35
CA ARG A 22 0.92 -4.07 27.00
C ARG A 22 1.07 -5.58 26.65
N PRO A 23 2.24 -6.17 27.01
CA PRO A 23 2.47 -7.57 26.68
C PRO A 23 1.79 -8.51 27.64
N PHE A 24 1.36 -9.66 27.10
CA PHE A 24 0.75 -10.71 27.88
C PHE A 24 1.81 -11.34 28.76
N LEU A 25 1.49 -11.50 30.06
CA LEU A 25 2.39 -12.10 31.02
C LEU A 25 1.62 -13.18 31.76
N CYS A 26 2.20 -14.38 31.88
CA CYS A 26 1.54 -15.45 32.62
C CYS A 26 1.41 -15.07 34.11
N CYS A 27 0.64 -15.84 34.90
CA CYS A 27 0.49 -15.61 36.33
C CYS A 27 1.85 -15.51 37.07
N LYS A 28 2.82 -16.36 36.69
CA LYS A 28 4.14 -16.36 37.31
C LYS A 28 5.02 -15.19 36.87
N CYS A 29 5.08 -14.93 35.56
CA CYS A 29 5.89 -13.87 34.98
C CYS A 29 5.34 -12.47 35.27
N CYS A 30 4.02 -12.35 35.37
CA CYS A 30 3.38 -11.09 35.73
C CYS A 30 3.78 -10.73 37.16
N TYR A 31 3.75 -11.72 38.08
CA TYR A 31 4.15 -11.51 39.46
C TYR A 31 5.63 -11.09 39.52
N ASP A 32 6.50 -11.85 38.85
CA ASP A 32 7.94 -11.55 38.81
C ASP A 32 8.20 -10.16 38.22
N HIS A 33 7.34 -9.67 37.31
CA HIS A 33 7.44 -8.34 36.74
C HIS A 33 7.00 -7.25 37.76
N VAL A 34 5.79 -7.37 38.29
CA VAL A 34 5.26 -6.34 39.17
C VAL A 34 6.05 -6.22 40.44
N ILE A 35 6.55 -7.33 41.02
CA ILE A 35 7.23 -7.26 42.31
C ILE A 35 8.68 -6.71 42.23
N SER A 36 9.25 -6.59 41.02
CA SER A 36 10.62 -6.10 40.89
C SER A 36 10.75 -4.84 40.00
N THR A 37 9.64 -4.30 39.49
CA THR A 37 9.69 -3.06 38.71
C THR A 37 8.69 -2.03 39.30
N SER A 38 8.71 -0.78 38.81
CA SER A 38 7.72 0.20 39.20
C SER A 38 6.36 -0.09 38.47
N HIS A 39 6.28 -1.15 37.66
CA HIS A 39 5.07 -1.48 36.93
C HIS A 39 4.10 -2.24 37.83
N LYS A 40 3.01 -1.58 38.24
CA LYS A 40 2.04 -2.22 39.13
C LYS A 40 0.63 -2.33 38.56
N LEU A 41 0.37 -1.75 37.36
CA LEU A 41 -0.96 -1.86 36.77
C LEU A 41 -1.00 -3.14 35.92
N VAL A 42 -1.98 -4.01 36.19
CA VAL A 42 -2.19 -5.28 35.48
C VAL A 42 -3.55 -5.24 34.80
N LEU A 43 -3.62 -5.61 33.53
CA LEU A 43 -4.87 -5.59 32.76
C LEU A 43 -5.35 -6.99 32.35
N SER A 44 -6.57 -7.40 32.81
CA SER A 44 -7.20 -8.69 32.47
C SER A 44 -8.38 -8.31 31.54
N VAL A 45 -9.53 -9.03 31.58
CA VAL A 45 -10.74 -8.66 30.81
C VAL A 45 -11.16 -7.21 31.21
N ASN A 46 -11.04 -6.94 32.52
CA ASN A 46 -11.23 -5.66 33.18
C ASN A 46 -9.89 -5.28 33.87
N PRO A 47 -9.59 -3.98 34.01
CA PRO A 47 -8.34 -3.59 34.66
C PRO A 47 -8.33 -3.95 36.14
N TYR A 48 -7.15 -4.27 36.69
CA TYR A 48 -7.06 -4.53 38.11
C TYR A 48 -6.97 -3.20 38.81
N VAL A 49 -8.13 -2.71 39.26
CA VAL A 49 -8.27 -1.43 39.92
C VAL A 49 -9.38 -1.56 40.99
N CYS A 50 -9.31 -0.76 42.06
CA CYS A 50 -10.35 -0.81 43.07
C CYS A 50 -11.67 -0.31 42.52
N ASN A 51 -12.68 -1.16 42.64
CA ASN A 51 -14.00 -0.85 42.13
C ASN A 51 -14.81 0.04 43.05
N ALA A 52 -14.34 0.30 44.30
CA ALA A 52 -15.05 1.19 45.21
C ALA A 52 -15.10 2.59 44.61
N PRO A 53 -16.28 3.23 44.60
CA PRO A 53 -16.39 4.57 44.00
C PRO A 53 -15.38 5.60 44.54
N GLY A 54 -14.71 6.33 43.64
CA GLY A 54 -13.77 7.37 44.04
C GLY A 54 -12.40 6.89 44.51
N CYS A 55 -12.19 5.57 44.54
CA CYS A 55 -10.91 5.03 44.98
C CYS A 55 -9.94 5.00 43.86
N ASP A 56 -8.69 5.41 44.11
CA ASP A 56 -7.68 5.43 43.04
C ASP A 56 -6.58 4.35 43.19
N VAL A 57 -6.85 3.26 43.96
CA VAL A 57 -5.88 2.18 44.10
C VAL A 57 -5.87 1.34 42.82
N THR A 58 -4.71 1.36 42.09
CA THR A 58 -4.44 0.64 40.83
C THR A 58 -3.27 -0.36 40.94
N ASP A 59 -2.51 -0.31 42.05
CA ASP A 59 -1.38 -1.18 42.29
C ASP A 59 -1.90 -2.58 42.61
N VAL A 60 -1.56 -3.56 41.76
CA VAL A 60 -1.96 -4.97 41.86
C VAL A 60 -1.57 -5.62 43.20
N THR A 61 -0.43 -5.20 43.76
CA THR A 61 0.05 -5.74 45.03
C THR A 61 -0.79 -5.25 46.22
N GLN A 62 -1.57 -4.15 46.04
CA GLN A 62 -2.48 -3.58 47.04
C GLN A 62 -3.95 -3.94 46.74
N LEU A 63 -4.23 -4.83 45.77
CA LEU A 63 -5.58 -5.20 45.36
C LEU A 63 -5.92 -6.67 45.63
N TYR A 64 -7.22 -6.95 45.79
CA TYR A 64 -7.80 -8.25 46.16
C TYR A 64 -9.04 -8.59 45.33
N LEU A 65 -9.33 -9.90 45.19
CA LEU A 65 -10.52 -10.43 44.52
C LEU A 65 -11.63 -10.62 45.57
N GLY A 66 -12.62 -9.73 45.55
CA GLY A 66 -13.75 -9.79 46.47
C GLY A 66 -14.96 -10.10 45.63
N GLY A 67 -15.38 -11.35 45.70
CA GLY A 67 -16.48 -11.82 44.87
C GLY A 67 -16.04 -11.83 43.41
N MET A 68 -16.77 -11.11 42.57
CA MET A 68 -16.42 -11.02 41.16
C MET A 68 -15.68 -9.71 40.79
N SER A 69 -15.41 -8.84 41.78
CA SER A 69 -14.75 -7.58 41.53
C SER A 69 -13.38 -7.44 42.26
N TYR A 70 -12.75 -6.29 42.09
CA TYR A 70 -11.45 -6.03 42.68
C TYR A 70 -11.53 -4.83 43.61
N TYR A 71 -10.87 -4.92 44.78
CA TYR A 71 -10.85 -3.87 45.80
C TYR A 71 -9.50 -3.77 46.47
N CYS A 72 -9.20 -2.61 47.07
CA CYS A 72 -7.99 -2.43 47.84
C CYS A 72 -8.22 -2.93 49.29
N LYS A 73 -7.15 -2.95 50.11
CA LYS A 73 -7.25 -3.35 51.53
C LYS A 73 -8.30 -2.52 52.30
N SER A 74 -8.53 -1.25 51.90
CA SER A 74 -9.49 -0.35 52.53
C SER A 74 -10.94 -0.60 52.13
N HIS A 75 -11.19 -1.32 51.04
CA HIS A 75 -12.54 -1.50 50.51
C HIS A 75 -13.00 -2.93 50.33
N LYS A 76 -12.09 -3.90 50.40
CA LYS A 76 -12.42 -5.30 50.15
C LYS A 76 -13.40 -5.90 51.18
N PRO A 77 -14.24 -6.89 50.76
CA PRO A 77 -15.10 -7.58 51.73
C PRO A 77 -14.30 -8.60 52.58
N PRO A 78 -14.83 -9.12 53.72
CA PRO A 78 -14.05 -10.10 54.52
C PRO A 78 -13.60 -11.35 53.75
N ILE A 79 -14.41 -11.80 52.78
CA ILE A 79 -14.03 -12.93 51.95
C ILE A 79 -13.42 -12.39 50.64
N SER A 80 -12.10 -12.19 50.69
CA SER A 80 -11.27 -11.70 49.60
C SER A 80 -9.85 -12.30 49.62
N PHE A 81 -9.28 -12.40 48.45
CA PHE A 81 -7.99 -13.02 48.18
C PHE A 81 -7.05 -11.96 47.61
N PRO A 82 -5.79 -11.82 48.03
CA PRO A 82 -4.90 -10.87 47.34
C PRO A 82 -4.69 -11.28 45.87
N LEU A 83 -4.76 -10.32 44.94
CA LEU A 83 -4.47 -10.62 43.52
C LEU A 83 -2.98 -11.07 43.39
N CYS A 84 -2.10 -10.53 44.27
CA CYS A 84 -0.67 -10.82 44.35
C CYS A 84 -0.32 -11.67 45.52
N ALA A 85 0.04 -12.93 45.27
CA ALA A 85 0.52 -13.82 46.35
C ALA A 85 0.98 -15.15 45.80
N ASN A 86 1.91 -15.82 46.54
CA ASN A 86 2.42 -17.16 46.23
C ASN A 86 3.21 -17.22 44.92
N GLY A 87 3.84 -16.10 44.54
CA GLY A 87 4.60 -16.03 43.29
C GLY A 87 3.75 -15.90 42.05
N GLN A 88 2.45 -15.61 42.20
CA GLN A 88 1.54 -15.48 41.07
C GLN A 88 0.57 -14.32 41.20
N VAL A 89 0.15 -13.79 40.07
CA VAL A 89 -0.89 -12.76 39.98
C VAL A 89 -2.13 -13.51 39.51
N PHE A 90 -3.26 -13.31 40.20
CA PHE A 90 -4.51 -13.96 39.85
C PHE A 90 -4.96 -13.64 38.43
N GLY A 91 -5.24 -14.69 37.68
CA GLY A 91 -5.72 -14.58 36.31
C GLY A 91 -6.10 -15.95 35.77
N LEU A 92 -6.76 -15.97 34.61
CA LEU A 92 -7.14 -17.21 33.96
C LEU A 92 -5.89 -18.04 33.57
N TYR A 93 -6.08 -19.34 33.34
CA TYR A 93 -5.06 -20.27 32.85
C TYR A 93 -3.90 -20.47 33.88
N LYS A 94 -4.18 -20.28 35.19
CA LYS A 94 -3.23 -20.40 36.32
C LYS A 94 -2.50 -21.73 36.43
N VAL A 103 13.37 -13.25 33.45
CA VAL A 103 12.51 -12.14 33.93
C VAL A 103 13.31 -10.85 34.03
N THR A 104 14.55 -10.95 34.53
CA THR A 104 15.50 -9.85 34.66
C THR A 104 15.65 -9.07 33.34
N ASP A 105 15.82 -9.79 32.22
CA ASP A 105 15.95 -9.19 30.89
C ASP A 105 14.64 -8.51 30.43
N PHE A 106 13.50 -9.14 30.67
CA PHE A 106 12.20 -8.56 30.29
C PHE A 106 11.98 -7.24 31.08
N ASN A 107 12.32 -7.25 32.37
CA ASN A 107 12.15 -6.07 33.22
C ASN A 107 12.95 -4.89 32.68
N ALA A 108 14.20 -5.14 32.29
CA ALA A 108 15.09 -4.12 31.79
C ALA A 108 14.61 -3.52 30.46
N ILE A 109 14.12 -4.36 29.54
CA ILE A 109 13.59 -3.87 28.26
C ILE A 109 12.33 -3.03 28.48
N ALA A 110 11.42 -3.51 29.35
CA ALA A 110 10.14 -2.87 29.66
C ALA A 110 10.28 -1.50 30.29
N THR A 111 11.32 -1.30 31.13
CA THR A 111 11.49 -0.06 31.90
C THR A 111 12.58 0.92 31.43
N CYS A 112 13.46 0.51 30.49
CA CYS A 112 14.53 1.40 30.06
C CYS A 112 14.05 2.57 29.17
N ASP A 113 14.87 3.63 29.05
CA ASP A 113 14.49 4.77 28.21
C ASP A 113 15.17 4.76 26.79
N TRP A 114 16.01 3.75 26.52
CA TRP A 114 16.73 3.58 25.25
C TRP A 114 17.77 4.66 24.98
N THR A 115 18.26 5.35 26.02
CA THR A 115 19.29 6.36 25.83
C THR A 115 20.73 5.80 26.02
N ASN A 116 20.85 4.57 26.54
CA ASN A 116 22.12 3.91 26.82
C ASN A 116 22.36 2.79 25.83
N ALA A 117 23.65 2.52 25.52
CA ALA A 117 24.05 1.44 24.61
C ALA A 117 23.70 0.08 25.18
N GLY A 118 23.81 -0.08 26.50
CA GLY A 118 23.48 -1.31 27.20
C GLY A 118 22.07 -1.80 26.97
N ASP A 119 21.14 -0.88 26.63
CA ASP A 119 19.75 -1.18 26.31
C ASP A 119 19.63 -1.94 24.98
N TYR A 120 20.46 -1.52 23.99
CA TYR A 120 20.49 -2.15 22.68
C TYR A 120 21.25 -3.46 22.71
N ILE A 121 22.25 -3.59 23.62
CA ILE A 121 23.01 -4.82 23.86
C ILE A 121 22.03 -5.87 24.34
N LEU A 122 21.30 -5.57 25.43
CA LEU A 122 20.28 -6.43 25.97
C LEU A 122 19.21 -6.80 24.92
N ALA A 123 18.74 -5.82 24.12
CA ALA A 123 17.73 -6.08 23.07
C ALA A 123 18.21 -7.01 21.94
N ASN A 124 19.52 -7.27 21.89
CA ASN A 124 20.10 -8.17 20.90
C ASN A 124 20.66 -9.47 21.47
N THR A 125 20.76 -9.58 22.80
CA THR A 125 21.28 -10.78 23.45
C THR A 125 20.19 -11.69 24.04
N CYS A 126 18.98 -11.13 24.23
CA CYS A 126 17.83 -11.80 24.80
C CYS A 126 17.20 -12.89 23.86
N THR A 127 16.16 -13.61 24.32
CA THR A 127 15.46 -14.60 23.50
C THR A 127 14.79 -13.93 22.30
N GLU A 128 14.43 -14.72 21.29
CA GLU A 128 13.79 -14.19 20.08
C GLU A 128 12.51 -13.39 20.38
N ARG A 129 11.61 -13.90 21.26
CA ARG A 129 10.40 -13.16 21.56
C ARG A 129 10.73 -11.85 22.26
N LEU A 130 11.77 -11.85 23.14
CA LEU A 130 12.20 -10.59 23.83
C LEU A 130 12.84 -9.60 22.84
N LYS A 131 13.40 -10.09 21.70
CA LYS A 131 13.95 -9.22 20.70
C LYS A 131 12.82 -8.44 20.02
N LEU A 132 11.67 -9.11 19.75
CA LEU A 132 10.53 -8.43 19.12
C LEU A 132 9.90 -7.46 20.09
N PHE A 133 9.81 -7.84 21.38
CA PHE A 133 9.28 -7.00 22.47
C PHE A 133 10.13 -5.76 22.55
N ALA A 134 11.46 -5.94 22.58
CA ALA A 134 12.41 -4.82 22.60
C ALA A 134 12.29 -3.92 21.37
N ALA A 135 12.22 -4.50 20.16
CA ALA A 135 12.11 -3.73 18.91
C ALA A 135 10.83 -2.88 18.81
N GLU A 136 9.71 -3.46 19.29
CA GLU A 136 8.41 -2.79 19.28
C GLU A 136 8.42 -1.64 20.31
N THR A 137 8.97 -1.92 21.51
CA THR A 137 9.05 -0.98 22.62
C THR A 137 9.94 0.21 22.23
N LEU A 138 11.12 -0.09 21.66
CA LEU A 138 12.06 0.91 21.18
C LEU A 138 11.44 1.78 20.11
N LYS A 139 10.82 1.18 19.08
CA LYS A 139 10.25 1.99 18.00
C LYS A 139 9.10 2.86 18.47
N ALA A 140 8.28 2.35 19.39
CA ALA A 140 7.18 3.14 19.94
C ALA A 140 7.75 4.27 20.79
N THR A 141 8.82 4.00 21.57
CA THR A 141 9.51 5.01 22.38
C THR A 141 10.06 6.12 21.49
N GLU A 142 10.75 5.73 20.38
CA GLU A 142 11.29 6.67 19.40
C GLU A 142 10.18 7.57 18.83
N GLU A 143 9.01 6.99 18.46
CA GLU A 143 7.90 7.74 17.85
C GLU A 143 7.27 8.73 18.82
N THR A 144 7.08 8.32 20.09
CA THR A 144 6.54 9.19 21.14
C THR A 144 7.49 10.37 21.44
N PHE A 145 8.80 10.08 21.43
CA PHE A 145 9.80 11.11 21.64
C PHE A 145 9.75 12.18 20.53
N LYS A 146 9.31 11.81 19.32
CA LYS A 146 9.17 12.74 18.20
C LYS A 146 8.13 13.82 18.48
N LEU A 147 7.11 13.51 19.31
CA LEU A 147 6.08 14.46 19.71
C LEU A 147 6.64 15.52 20.69
N SER A 148 7.68 15.17 21.45
CA SER A 148 8.34 16.09 22.40
C SER A 148 8.89 17.38 21.73
N TYR A 149 9.30 17.26 20.47
CA TYR A 149 9.80 18.39 19.71
C TYR A 149 8.67 19.36 19.34
N GLY A 150 9.02 20.62 19.10
CA GLY A 150 8.05 21.65 18.78
C GLY A 150 7.76 21.86 17.31
N ILE A 151 6.55 22.36 17.01
CA ILE A 151 6.09 22.66 15.66
C ILE A 151 6.80 23.92 15.10
N ALA A 152 7.10 23.93 13.80
CA ALA A 152 7.72 25.08 13.12
C ALA A 152 6.71 25.79 12.22
N THR A 153 6.95 27.06 11.91
CA THR A 153 6.06 27.83 11.04
C THR A 153 6.86 28.79 10.16
N VAL A 154 6.54 28.83 8.86
CA VAL A 154 7.22 29.67 7.86
C VAL A 154 7.17 31.16 8.20
N ARG A 155 8.35 31.80 8.33
CA ARG A 155 8.42 33.22 8.60
C ARG A 155 8.46 34.02 7.27
N GLU A 156 9.24 33.56 6.27
CA GLU A 156 9.35 34.23 4.97
C GLU A 156 9.77 33.27 3.83
N VAL A 157 9.69 33.74 2.58
CA VAL A 157 10.14 32.98 1.41
C VAL A 157 11.32 33.77 0.84
N LEU A 158 12.56 33.49 1.28
CA LEU A 158 13.76 34.21 0.83
C LEU A 158 13.96 34.07 -0.69
N SER A 159 13.94 32.84 -1.21
CA SER A 159 14.13 32.53 -2.62
C SER A 159 13.57 31.10 -2.94
N ASP A 160 13.82 30.56 -4.15
CA ASP A 160 13.35 29.24 -4.54
C ASP A 160 13.98 28.10 -3.73
N ARG A 161 15.18 28.32 -3.16
CA ARG A 161 15.87 27.29 -2.38
C ARG A 161 16.26 27.73 -0.96
N GLU A 162 16.00 28.98 -0.56
CA GLU A 162 16.36 29.45 0.78
C GLU A 162 15.20 30.14 1.52
N LEU A 163 15.30 30.26 2.85
CA LEU A 163 14.34 30.95 3.72
C LEU A 163 14.88 31.18 5.15
N HIS A 164 14.11 31.88 6.00
CA HIS A 164 14.39 32.16 7.42
C HIS A 164 13.14 31.67 8.21
N LEU A 165 13.31 31.02 9.38
CA LEU A 165 12.18 30.40 10.06
C LEU A 165 11.78 30.90 11.48
N SER A 166 10.63 30.40 12.00
CA SER A 166 10.02 30.72 13.29
C SER A 166 9.54 29.42 14.00
N TRP A 167 9.79 29.30 15.31
CA TRP A 167 9.43 28.07 16.05
C TRP A 167 8.42 28.31 17.17
N GLU A 168 7.66 27.27 17.56
CA GLU A 168 6.77 27.38 18.72
C GLU A 168 7.70 27.18 19.96
N VAL A 169 7.74 28.16 20.90
CA VAL A 169 8.60 28.12 22.08
C VAL A 169 8.08 27.09 23.12
N GLY A 170 8.91 26.73 24.10
CA GLY A 170 8.52 25.79 25.13
C GLY A 170 8.91 24.35 24.85
N LYS A 171 8.88 23.94 23.58
CA LYS A 171 9.27 22.57 23.23
C LYS A 171 10.63 22.57 22.52
N PRO A 172 11.47 21.56 22.78
CA PRO A 172 12.81 21.56 22.18
C PRO A 172 12.81 21.61 20.66
N ARG A 173 13.83 22.28 20.12
CA ARG A 173 14.06 22.49 18.69
C ARG A 173 15.03 21.45 18.15
N PRO A 174 14.53 20.49 17.35
CA PRO A 174 15.42 19.44 16.80
C PRO A 174 16.50 19.97 15.85
N PRO A 175 17.59 19.20 15.62
CA PRO A 175 18.70 19.72 14.79
C PRO A 175 18.47 19.88 13.28
N LEU A 176 19.07 20.92 12.69
CA LEU A 176 19.00 21.20 11.26
C LEU A 176 20.00 20.32 10.53
N ASN A 177 19.55 19.15 10.07
CA ASN A 177 20.40 18.20 9.37
C ASN A 177 19.59 17.30 8.41
N ARG A 178 20.26 16.67 7.43
CA ARG A 178 19.58 15.74 6.53
C ARG A 178 19.29 14.38 7.23
N ASN A 179 19.27 14.37 8.58
CA ASN A 179 18.98 13.23 9.46
C ASN A 179 17.53 13.27 10.02
N TYR A 180 16.79 14.39 9.83
CA TYR A 180 15.44 14.56 10.35
C TYR A 180 14.44 14.93 9.22
N VAL A 181 13.93 13.95 8.47
CA VAL A 181 12.97 14.23 7.38
C VAL A 181 11.57 14.52 7.98
N PHE A 182 11.18 15.81 8.05
CA PHE A 182 9.86 16.17 8.57
C PHE A 182 8.82 15.98 7.47
N THR A 183 7.57 15.66 7.84
CA THR A 183 6.48 15.64 6.86
C THR A 183 5.86 17.07 6.83
N GLY A 184 5.46 17.52 5.65
CA GLY A 184 4.94 18.87 5.48
C GLY A 184 3.46 19.02 5.37
N TYR A 185 2.93 20.21 5.77
CA TYR A 185 1.51 20.58 5.75
C TYR A 185 1.23 22.02 5.27
N GLN A 194 -0.59 18.62 3.51
CA GLN A 194 0.08 17.34 3.21
C GLN A 194 1.19 17.51 2.13
N ILE A 195 1.80 18.72 2.11
CA ILE A 195 2.80 19.22 1.15
C ILE A 195 4.20 18.59 1.28
N GLY A 196 4.29 17.31 0.95
CA GLY A 196 5.52 16.53 0.90
C GLY A 196 6.51 16.63 2.04
N GLU A 197 7.37 15.61 2.14
CA GLU A 197 8.38 15.56 3.18
C GLU A 197 9.53 16.54 2.95
N TYR A 198 9.64 17.54 3.83
CA TYR A 198 10.69 18.56 3.74
C TYR A 198 11.86 18.22 4.67
N THR A 199 13.07 18.73 4.32
CA THR A 199 14.32 18.58 5.07
C THR A 199 15.04 19.94 5.24
N PHE A 200 15.98 20.06 6.20
CA PHE A 200 16.69 21.34 6.43
C PHE A 200 18.23 21.22 6.59
N GLU A 201 18.96 22.33 6.36
CA GLU A 201 20.44 22.44 6.47
C GLU A 201 20.86 23.93 6.47
N LYS A 202 21.88 24.30 7.26
CA LYS A 202 22.34 25.70 7.33
C LYS A 202 23.10 26.16 6.08
N ASP A 207 21.82 33.67 10.00
CA ASP A 207 20.37 33.47 9.98
C ASP A 207 19.83 32.89 8.67
N ALA A 208 20.64 32.86 7.60
CA ALA A 208 20.18 32.31 6.31
C ALA A 208 20.28 30.78 6.23
N VAL A 209 19.16 30.07 6.53
CA VAL A 209 19.04 28.60 6.48
C VAL A 209 18.48 28.13 5.10
N VAL A 210 18.43 26.80 4.84
CA VAL A 210 17.97 26.30 3.54
C VAL A 210 16.76 25.34 3.66
N TYR A 211 15.66 25.64 2.94
CA TYR A 211 14.50 24.74 2.94
C TYR A 211 14.65 23.73 1.79
N ARG A 212 14.67 22.44 2.15
CA ARG A 212 14.84 21.37 1.17
C ARG A 212 13.60 20.50 0.99
N GLY A 213 12.67 21.01 0.20
CA GLY A 213 11.42 20.32 -0.08
C GLY A 213 11.44 19.57 -1.39
N THR A 214 11.33 18.26 -1.30
CA THR A 214 11.34 17.37 -2.46
C THR A 214 10.23 17.73 -3.45
N THR A 215 9.07 18.17 -2.95
CA THR A 215 7.96 18.59 -3.82
C THR A 215 8.08 20.09 -4.10
N THR A 216 8.09 20.49 -5.39
CA THR A 216 8.22 21.91 -5.74
C THR A 216 6.94 22.69 -5.45
N TYR A 217 6.85 23.23 -4.24
CA TYR A 217 5.69 24.01 -3.84
C TYR A 217 6.18 25.26 -3.14
N LYS A 218 5.61 26.42 -3.51
CA LYS A 218 5.98 27.69 -2.91
C LYS A 218 5.55 27.68 -1.44
N LEU A 219 6.53 27.49 -0.53
CA LEU A 219 6.29 27.42 0.92
C LEU A 219 5.52 28.64 1.44
N ASN A 220 4.19 28.49 1.58
CA ASN A 220 3.29 29.55 2.03
C ASN A 220 3.69 30.02 3.40
N VAL A 221 3.80 31.34 3.58
CA VAL A 221 4.15 31.93 4.87
C VAL A 221 2.97 31.69 5.83
N GLY A 222 3.25 30.98 6.92
CA GLY A 222 2.21 30.65 7.89
C GLY A 222 1.98 29.16 8.02
N ASP A 223 2.32 28.37 6.99
CA ASP A 223 2.16 26.92 7.04
C ASP A 223 3.11 26.27 8.06
N TYR A 224 2.90 24.98 8.35
CA TYR A 224 3.71 24.29 9.36
C TYR A 224 4.16 22.86 8.97
N PHE A 225 5.17 22.34 9.70
CA PHE A 225 5.68 20.99 9.52
C PHE A 225 5.70 20.25 10.86
N VAL A 226 5.73 18.92 10.80
CA VAL A 226 5.80 18.07 11.98
C VAL A 226 6.73 16.85 11.69
N LEU A 227 7.44 16.33 12.71
CA LEU A 227 8.36 15.21 12.51
C LEU A 227 7.65 13.98 11.97
N THR A 228 8.32 13.22 11.08
CA THR A 228 7.73 12.02 10.47
C THR A 228 7.49 10.95 11.53
N SER A 229 6.30 11.01 12.14
CA SER A 229 5.85 10.19 13.26
C SER A 229 4.84 9.14 12.79
N HIS A 230 5.34 8.00 12.28
CA HIS A 230 4.45 6.94 11.86
C HIS A 230 4.13 6.00 13.01
N THR A 231 2.87 5.56 13.10
CA THR A 231 2.36 4.65 14.11
C THR A 231 3.11 3.30 14.00
N VAL A 232 3.52 2.72 15.14
CA VAL A 232 4.27 1.46 15.20
C VAL A 232 3.35 0.29 15.24
N MET A 233 3.43 -0.60 14.25
CA MET A 233 2.63 -1.81 14.20
C MET A 233 3.28 -2.92 15.00
N PRO A 234 2.50 -3.89 15.52
CA PRO A 234 3.12 -4.97 16.29
C PRO A 234 3.92 -5.91 15.40
N LEU A 235 4.92 -6.53 16.01
CA LEU A 235 5.78 -7.51 15.35
C LEU A 235 5.22 -8.86 15.74
N SER A 236 5.21 -9.81 14.79
CA SER A 236 4.73 -11.16 15.01
C SER A 236 5.81 -12.15 14.57
N ALA A 237 6.40 -11.90 13.37
CA ALA A 237 7.46 -12.74 12.82
C ALA A 237 8.81 -12.53 13.54
N PRO A 238 9.65 -13.58 13.64
CA PRO A 238 10.99 -13.39 14.24
C PRO A 238 11.93 -12.52 13.37
N THR A 239 13.04 -12.05 13.96
CA THR A 239 14.04 -11.26 13.21
C THR A 239 14.72 -12.16 12.16
N LEU A 240 14.95 -13.42 12.53
CA LEU A 240 15.48 -14.45 11.66
C LEU A 240 14.56 -15.68 11.74
N VAL A 241 14.17 -16.27 10.59
CA VAL A 241 13.35 -17.50 10.63
C VAL A 241 14.22 -18.65 11.20
N PRO A 242 13.67 -19.79 11.68
CA PRO A 242 14.54 -20.86 12.19
C PRO A 242 15.41 -21.38 11.05
N GLN A 243 16.71 -21.62 11.33
CA GLN A 243 17.60 -22.10 10.29
C GLN A 243 17.27 -23.52 9.89
N GLU A 244 17.34 -23.79 8.58
CA GLU A 244 17.13 -25.10 8.02
C GLU A 244 18.27 -25.38 7.08
N HIS A 245 18.94 -26.51 7.25
CA HIS A 245 20.01 -26.90 6.35
C HIS A 245 19.51 -28.04 5.49
N TYR A 246 19.78 -27.97 4.19
CA TYR A 246 19.32 -28.99 3.26
C TYR A 246 20.49 -29.77 2.66
N VAL A 247 20.22 -30.98 2.18
CA VAL A 247 21.23 -31.83 1.55
C VAL A 247 21.29 -31.60 0.02
N ARG A 248 20.25 -30.96 -0.56
CA ARG A 248 20.13 -30.61 -1.96
C ARG A 248 19.67 -29.16 -2.07
N ILE A 249 19.90 -28.53 -3.25
CA ILE A 249 19.38 -27.18 -3.54
C ILE A 249 17.86 -27.34 -3.62
N THR A 250 17.17 -26.62 -2.76
CA THR A 250 15.75 -26.75 -2.55
C THR A 250 14.92 -25.67 -3.26
N GLY A 251 13.97 -26.09 -4.08
CA GLY A 251 13.05 -25.17 -4.76
C GLY A 251 13.64 -24.18 -5.74
N LEU A 252 14.92 -24.35 -6.05
CA LEU A 252 15.64 -23.50 -6.99
C LEU A 252 16.27 -24.38 -8.08
N TYR A 253 16.39 -23.83 -9.30
CA TYR A 253 16.89 -24.62 -10.43
C TYR A 253 18.13 -23.98 -11.07
N PRO A 254 19.33 -24.52 -10.76
CA PRO A 254 20.57 -23.91 -11.28
C PRO A 254 20.78 -24.00 -12.79
N THR A 255 21.85 -23.36 -13.31
CA THR A 255 22.25 -23.53 -14.72
C THR A 255 23.71 -24.04 -14.75
N LEU A 256 24.10 -24.65 -15.86
CA LEU A 256 25.49 -25.00 -16.11
C LEU A 256 26.10 -24.08 -17.23
N ASN A 257 25.26 -23.17 -17.76
CA ASN A 257 25.58 -22.12 -18.70
C ASN A 257 25.72 -20.83 -17.87
N ILE A 258 26.40 -20.89 -16.69
CA ILE A 258 26.60 -19.73 -15.81
C ILE A 258 27.74 -18.87 -16.37
N SER A 259 27.47 -17.59 -16.72
CA SER A 259 28.46 -16.68 -17.31
C SER A 259 29.74 -16.62 -16.47
N ASP A 260 30.91 -16.71 -17.13
CA ASP A 260 32.23 -16.70 -16.45
C ASP A 260 32.35 -15.56 -15.42
N GLU A 261 31.67 -14.45 -15.70
CA GLU A 261 31.58 -13.24 -14.90
C GLU A 261 31.11 -13.54 -13.47
N PHE A 262 30.16 -14.47 -13.32
CA PHE A 262 29.59 -14.87 -12.03
C PHE A 262 30.07 -16.21 -11.49
N SER A 263 31.03 -16.85 -12.19
CA SER A 263 31.58 -18.15 -11.81
C SER A 263 32.25 -18.16 -10.44
N SER A 264 32.84 -17.04 -10.00
CA SER A 264 33.47 -16.96 -8.68
C SER A 264 32.47 -17.14 -7.52
N ASN A 265 31.17 -16.87 -7.79
CA ASN A 265 30.15 -17.01 -6.76
C ASN A 265 29.34 -18.29 -6.84
N VAL A 266 29.65 -19.21 -7.80
CA VAL A 266 28.88 -20.45 -7.97
C VAL A 266 28.74 -21.26 -6.66
N ALA A 267 29.84 -21.52 -5.93
CA ALA A 267 29.75 -22.29 -4.68
C ALA A 267 28.89 -21.58 -3.63
N ASN A 268 28.99 -20.25 -3.56
CA ASN A 268 28.19 -19.44 -2.64
C ASN A 268 26.67 -19.44 -3.02
N TYR A 269 26.34 -19.40 -4.34
CA TYR A 269 24.97 -19.47 -4.84
C TYR A 269 24.35 -20.83 -4.50
N GLN A 270 25.16 -21.91 -4.57
CA GLN A 270 24.71 -23.26 -4.22
C GLN A 270 24.46 -23.31 -2.71
N LYS A 271 25.36 -22.71 -1.91
CA LYS A 271 25.20 -22.58 -0.44
C LYS A 271 23.87 -21.89 -0.09
N VAL A 272 23.50 -20.81 -0.85
CA VAL A 272 22.24 -20.06 -0.71
C VAL A 272 21.02 -21.03 -0.85
N GLY A 273 21.03 -21.89 -1.88
CA GLY A 273 19.94 -22.85 -2.15
C GLY A 273 19.90 -24.05 -1.23
N MET A 274 20.93 -24.23 -0.40
CA MET A 274 21.01 -25.36 0.52
C MET A 274 20.83 -25.03 1.98
N GLN A 275 20.35 -23.83 2.28
CA GLN A 275 20.07 -23.33 3.61
C GLN A 275 18.77 -22.47 3.52
N LYS A 276 18.06 -22.29 4.63
CA LYS A 276 16.88 -21.43 4.66
C LYS A 276 17.38 -19.96 4.50
N TYR A 277 18.32 -19.54 5.36
CA TYR A 277 18.89 -18.20 5.26
C TYR A 277 20.43 -18.28 5.25
N SER A 278 21.07 -17.31 4.60
CA SER A 278 22.55 -17.27 4.58
C SER A 278 23.03 -15.83 4.75
N THR A 279 24.21 -15.65 5.38
CA THR A 279 24.78 -14.31 5.58
C THR A 279 26.04 -14.10 4.72
N LEU A 280 26.10 -12.97 4.03
CA LEU A 280 27.26 -12.63 3.20
C LEU A 280 27.90 -11.33 3.71
N GLN A 281 29.14 -11.42 4.27
CA GLN A 281 29.86 -10.21 4.62
C GLN A 281 30.66 -9.78 3.38
N GLY A 282 30.35 -8.60 2.90
CA GLY A 282 31.04 -8.02 1.76
C GLY A 282 31.64 -6.68 2.10
N PRO A 283 32.95 -6.64 2.40
CA PRO A 283 33.63 -5.34 2.58
C PRO A 283 33.45 -4.40 1.37
N PRO A 284 33.80 -3.10 1.46
CA PRO A 284 33.60 -2.22 0.30
C PRO A 284 34.19 -2.74 -1.00
N GLY A 285 33.40 -2.65 -2.07
CA GLY A 285 33.85 -2.99 -3.43
C GLY A 285 34.30 -4.43 -3.68
N THR A 286 33.81 -5.37 -2.85
CA THR A 286 34.13 -6.78 -3.01
C THR A 286 33.12 -7.56 -3.92
N GLY A 287 32.06 -6.90 -4.35
CA GLY A 287 31.09 -7.51 -5.24
C GLY A 287 29.75 -7.91 -4.66
N LYS A 288 29.22 -7.17 -3.66
CA LYS A 288 27.94 -7.47 -3.06
C LYS A 288 26.79 -7.37 -4.08
N SER A 289 26.68 -6.25 -4.86
CA SER A 289 25.58 -6.12 -5.82
C SER A 289 25.74 -7.07 -7.00
N HIS A 290 26.99 -7.37 -7.39
CA HIS A 290 27.30 -8.32 -8.45
C HIS A 290 26.84 -9.72 -7.99
N PHE A 291 27.10 -10.07 -6.72
CA PHE A 291 26.67 -11.33 -6.13
C PHE A 291 25.13 -11.40 -6.14
N ALA A 292 24.44 -10.37 -5.64
CA ALA A 292 22.98 -10.32 -5.61
C ALA A 292 22.34 -10.51 -7.00
N ILE A 293 22.79 -9.76 -8.01
CA ILE A 293 22.22 -9.87 -9.35
C ILE A 293 22.60 -11.19 -10.03
N GLY A 294 23.81 -11.68 -9.75
CA GLY A 294 24.30 -12.94 -10.28
C GLY A 294 23.57 -14.16 -9.75
N LEU A 295 22.95 -14.01 -8.60
CA LEU A 295 22.13 -15.04 -7.97
C LEU A 295 20.90 -15.30 -8.86
N ALA A 296 20.36 -14.24 -9.52
CA ALA A 296 19.23 -14.29 -10.46
C ALA A 296 19.62 -14.97 -11.76
N LEU A 297 20.86 -14.78 -12.23
CA LEU A 297 21.35 -15.46 -13.43
C LEU A 297 21.67 -16.95 -13.13
N TYR A 298 22.06 -17.26 -11.88
CA TYR A 298 22.36 -18.63 -11.50
C TYR A 298 21.10 -19.44 -11.33
N TYR A 299 20.02 -18.84 -10.79
CA TYR A 299 18.70 -19.49 -10.67
C TYR A 299 17.77 -18.68 -11.57
N PRO A 300 17.86 -18.91 -12.90
CA PRO A 300 17.16 -18.03 -13.84
C PRO A 300 15.64 -18.05 -13.81
N SER A 301 15.02 -19.06 -13.21
CA SER A 301 13.54 -19.12 -13.13
C SER A 301 12.99 -18.59 -11.77
N ALA A 302 13.87 -18.36 -10.80
CA ALA A 302 13.50 -17.89 -9.48
C ALA A 302 12.92 -16.47 -9.47
N ARG A 303 11.88 -16.30 -8.66
CA ARG A 303 11.26 -15.01 -8.42
C ARG A 303 12.05 -14.40 -7.25
N ILE A 304 12.70 -13.26 -7.48
CA ILE A 304 13.53 -12.64 -6.45
C ILE A 304 13.03 -11.27 -6.04
N VAL A 305 12.85 -11.08 -4.73
CA VAL A 305 12.51 -9.78 -4.21
C VAL A 305 13.77 -9.22 -3.60
N TYR A 306 14.20 -8.07 -4.12
CA TYR A 306 15.38 -7.36 -3.68
C TYR A 306 14.89 -6.25 -2.76
N THR A 307 15.31 -6.30 -1.49
CA THR A 307 14.93 -5.31 -0.49
C THR A 307 16.16 -4.77 0.24
N ALA A 308 16.01 -3.55 0.80
CA ALA A 308 16.96 -2.78 1.61
C ALA A 308 16.15 -1.71 2.35
N CYS A 309 16.69 -1.11 3.41
CA CYS A 309 15.94 -0.09 4.16
C CYS A 309 15.77 1.23 3.36
N SER A 310 16.83 1.66 2.66
CA SER A 310 16.82 2.92 1.92
C SER A 310 16.51 2.81 0.39
N HIS A 311 15.99 3.90 -0.19
CA HIS A 311 15.78 3.98 -1.63
C HIS A 311 17.11 3.96 -2.35
N ALA A 312 18.17 4.57 -1.77
CA ALA A 312 19.50 4.56 -2.37
C ALA A 312 20.02 3.12 -2.53
N ALA A 313 19.94 2.28 -1.46
CA ALA A 313 20.37 0.87 -1.56
C ALA A 313 19.58 0.09 -2.58
N VAL A 314 18.24 0.32 -2.62
CA VAL A 314 17.35 -0.34 -3.57
C VAL A 314 17.68 0.05 -5.03
N ASP A 315 17.91 1.36 -5.29
CA ASP A 315 18.29 1.92 -6.61
C ASP A 315 19.66 1.40 -7.09
N ALA A 316 20.61 1.19 -6.16
CA ALA A 316 21.91 0.63 -6.52
C ALA A 316 21.76 -0.84 -7.02
N LEU A 317 20.76 -1.59 -6.45
CA LEU A 317 20.46 -2.95 -6.92
C LEU A 317 19.75 -2.88 -8.31
N CYS A 318 18.91 -1.84 -8.52
CA CYS A 318 18.21 -1.55 -9.78
C CYS A 318 19.24 -1.28 -10.91
N GLU A 319 20.29 -0.48 -10.62
CA GLU A 319 21.32 -0.15 -11.61
C GLU A 319 22.08 -1.39 -12.07
N LYS A 320 22.44 -2.28 -11.12
CA LYS A 320 23.16 -3.52 -11.44
C LYS A 320 22.26 -4.47 -12.23
N ALA A 321 20.97 -4.58 -11.85
CA ALA A 321 20.00 -5.42 -12.54
C ALA A 321 19.77 -4.95 -13.98
N LEU A 322 19.75 -3.63 -14.18
CA LEU A 322 19.58 -3.04 -15.49
C LEU A 322 20.66 -3.52 -16.49
N LYS A 323 21.87 -3.83 -15.98
CA LYS A 323 22.98 -4.31 -16.80
C LYS A 323 22.95 -5.82 -17.11
N TYR A 324 22.32 -6.67 -16.25
CA TYR A 324 22.36 -8.12 -16.45
C TYR A 324 21.03 -8.83 -16.62
N LEU A 325 19.98 -8.29 -16.03
CA LEU A 325 18.65 -8.90 -16.05
C LEU A 325 17.72 -8.27 -17.09
N PRO A 326 16.73 -9.03 -17.61
CA PRO A 326 15.80 -8.44 -18.60
C PRO A 326 14.90 -7.39 -17.96
N ILE A 327 14.93 -6.14 -18.49
CA ILE A 327 14.20 -4.98 -17.99
C ILE A 327 12.67 -5.20 -17.90
N ASP A 328 12.12 -6.01 -18.81
CA ASP A 328 10.69 -6.32 -18.80
C ASP A 328 10.28 -7.18 -17.59
N LYS A 329 11.22 -7.92 -16.97
CA LYS A 329 10.88 -8.72 -15.79
C LYS A 329 11.20 -8.01 -14.46
N CYS A 330 11.59 -6.73 -14.51
CA CYS A 330 11.88 -5.93 -13.32
C CYS A 330 10.81 -4.90 -13.03
N SER A 331 10.56 -4.72 -11.75
CA SER A 331 9.64 -3.71 -11.29
C SER A 331 10.18 -3.02 -10.02
N ARG A 332 10.21 -1.68 -10.04
CA ARG A 332 10.61 -0.86 -8.90
C ARG A 332 9.31 -0.43 -8.17
N ILE A 333 9.11 -0.90 -6.91
CA ILE A 333 7.94 -0.59 -6.09
C ILE A 333 8.17 0.74 -5.41
N ILE A 334 7.33 1.72 -5.71
CA ILE A 334 7.43 3.07 -5.16
C ILE A 334 6.13 3.40 -4.42
N PRO A 335 6.21 3.76 -3.12
CA PRO A 335 4.99 4.10 -2.38
C PRO A 335 4.31 5.38 -2.90
N ALA A 336 2.97 5.42 -2.80
CA ALA A 336 2.15 6.53 -3.31
C ALA A 336 2.67 7.90 -2.87
N ARG A 337 3.20 7.97 -1.64
CA ARG A 337 3.83 9.18 -1.10
C ARG A 337 5.24 9.23 -1.69
N ALA A 338 5.43 9.93 -2.82
CA ALA A 338 6.73 10.04 -3.46
C ALA A 338 7.63 10.94 -2.64
N ARG A 339 8.39 10.34 -1.71
CA ARG A 339 9.31 11.03 -0.79
C ARG A 339 10.47 11.66 -1.55
N VAL A 340 11.35 10.86 -2.19
CA VAL A 340 12.44 11.38 -3.04
C VAL A 340 12.43 10.66 -4.40
N GLU A 341 13.08 11.27 -5.40
CA GLU A 341 13.23 10.70 -6.73
C GLU A 341 14.04 9.42 -6.64
N CYS A 342 13.49 8.31 -7.14
CA CYS A 342 14.20 7.04 -7.16
C CYS A 342 14.25 6.45 -8.62
N PHE A 343 14.83 5.25 -8.78
CA PHE A 343 15.02 4.56 -10.07
C PHE A 343 13.80 4.59 -10.97
N ASP A 344 13.96 5.15 -12.21
CA ASP A 344 12.95 5.40 -13.22
C ASP A 344 12.89 4.45 -14.42
N LYS A 345 13.74 3.42 -14.48
CA LYS A 345 13.84 2.60 -15.71
C LYS A 345 13.08 1.27 -15.67
N PHE A 346 12.44 0.91 -14.55
CA PHE A 346 11.64 -0.30 -14.48
C PHE A 346 10.16 0.06 -14.43
N LYS A 347 9.26 -0.89 -14.80
CA LYS A 347 7.82 -0.63 -14.70
C LYS A 347 7.45 -0.48 -13.21
N VAL A 348 6.87 0.68 -12.84
CA VAL A 348 6.54 1.00 -11.45
C VAL A 348 5.35 0.20 -10.94
N ASN A 349 5.46 -0.30 -9.71
CA ASN A 349 4.41 -0.97 -8.97
C ASN A 349 3.73 -2.15 -9.70
N SER A 350 4.51 -3.19 -9.98
CA SER A 350 3.98 -4.42 -10.53
C SER A 350 4.57 -5.53 -9.66
N THR A 351 3.85 -5.86 -8.58
CA THR A 351 4.25 -6.86 -7.58
C THR A 351 4.53 -8.26 -8.17
N LEU A 352 3.94 -8.59 -9.31
CA LEU A 352 4.05 -9.94 -9.88
C LEU A 352 5.24 -10.17 -10.81
N GLU A 353 6.04 -9.13 -11.12
CA GLU A 353 7.20 -9.34 -11.99
C GLU A 353 8.22 -10.27 -11.31
N GLN A 354 9.04 -10.94 -12.12
CA GLN A 354 10.05 -11.88 -11.63
C GLN A 354 11.02 -11.22 -10.64
N TYR A 355 11.37 -9.96 -10.91
CA TYR A 355 12.30 -9.22 -10.09
C TYR A 355 11.63 -7.98 -9.55
N VAL A 356 11.52 -7.92 -8.23
CA VAL A 356 10.85 -6.83 -7.57
C VAL A 356 11.88 -6.12 -6.70
N PHE A 357 12.00 -4.81 -6.85
CA PHE A 357 12.95 -4.00 -6.09
C PHE A 357 12.11 -3.03 -5.28
N CYS A 358 12.26 -3.08 -3.95
CA CYS A 358 11.42 -2.31 -3.06
C CYS A 358 12.06 -2.11 -1.69
N THR A 359 11.89 -0.90 -1.10
CA THR A 359 12.38 -0.65 0.25
C THR A 359 11.57 -1.48 1.30
N VAL A 360 12.16 -1.84 2.46
CA VAL A 360 11.49 -2.64 3.51
C VAL A 360 10.10 -2.09 3.89
N ASN A 361 10.03 -0.79 4.25
CA ASN A 361 8.79 -0.13 4.69
C ASN A 361 7.67 -0.12 3.61
N ALA A 362 8.01 -0.30 2.31
CA ALA A 362 7.02 -0.34 1.23
C ALA A 362 6.71 -1.76 0.69
N LEU A 363 7.23 -2.84 1.32
CA LEU A 363 7.00 -4.21 0.84
C LEU A 363 5.55 -4.64 0.78
N PRO A 364 5.12 -5.17 -0.37
CA PRO A 364 3.79 -5.77 -0.40
C PRO A 364 3.81 -7.15 0.29
N GLU A 365 2.62 -7.69 0.59
CA GLU A 365 2.49 -9.01 1.19
C GLU A 365 2.59 -9.99 0.03
N THR A 366 3.75 -10.65 -0.13
CA THR A 366 3.95 -11.57 -1.25
C THR A 366 4.92 -12.71 -0.86
N THR A 367 5.12 -13.65 -1.78
CA THR A 367 6.04 -14.75 -1.58
C THR A 367 7.14 -14.67 -2.64
N ALA A 368 8.25 -15.36 -2.41
CA ALA A 368 9.37 -15.35 -3.36
C ALA A 368 10.18 -16.63 -3.25
N ASP A 369 10.94 -16.98 -4.31
CA ASP A 369 11.85 -18.12 -4.23
C ASP A 369 13.07 -17.68 -3.41
N ILE A 370 13.56 -16.44 -3.65
CA ILE A 370 14.64 -15.82 -2.91
C ILE A 370 14.29 -14.38 -2.54
N VAL A 371 14.60 -14.03 -1.31
CA VAL A 371 14.52 -12.67 -0.84
C VAL A 371 15.98 -12.26 -0.60
N VAL A 372 16.40 -11.16 -1.22
CA VAL A 372 17.74 -10.62 -1.00
C VAL A 372 17.56 -9.34 -0.16
N PHE A 373 18.12 -9.33 1.05
CA PHE A 373 18.04 -8.16 1.92
C PHE A 373 19.46 -7.60 1.98
N ASP A 374 19.67 -6.50 1.25
CA ASP A 374 20.96 -5.82 1.14
C ASP A 374 21.16 -4.71 2.23
N GLU A 375 22.44 -4.26 2.39
CA GLU A 375 22.89 -3.26 3.35
C GLU A 375 22.38 -3.61 4.76
N ILE A 376 22.62 -4.86 5.18
CA ILE A 376 22.15 -5.42 6.43
C ILE A 376 22.69 -4.69 7.67
N SER A 377 23.82 -3.95 7.59
CA SER A 377 24.27 -3.19 8.78
C SER A 377 23.25 -2.06 9.12
N MET A 378 22.53 -1.53 8.10
CA MET A 378 21.53 -0.48 8.26
C MET A 378 20.18 -0.96 8.77
N ALA A 379 19.96 -2.27 8.83
CA ALA A 379 18.71 -2.81 9.31
C ALA A 379 18.65 -2.79 10.82
N THR A 380 17.44 -2.68 11.34
CA THR A 380 17.14 -2.83 12.76
C THR A 380 16.40 -4.17 12.89
N ASN A 381 16.28 -4.68 14.12
CA ASN A 381 15.51 -5.88 14.36
C ASN A 381 14.04 -5.70 13.97
N TYR A 382 13.54 -4.44 14.04
CA TYR A 382 12.20 -4.10 13.59
C TYR A 382 12.06 -4.39 12.08
N ASP A 383 13.02 -3.92 11.25
CA ASP A 383 13.10 -4.16 9.80
C ASP A 383 13.21 -5.67 9.48
N LEU A 384 14.10 -6.41 10.21
CA LEU A 384 14.30 -7.85 10.03
C LEU A 384 12.97 -8.61 10.17
N SER A 385 12.19 -8.23 11.17
CA SER A 385 10.91 -8.81 11.47
C SER A 385 9.90 -8.49 10.37
N VAL A 386 9.76 -7.17 9.97
CA VAL A 386 8.83 -6.71 8.90
C VAL A 386 9.02 -7.54 7.66
N VAL A 387 10.28 -7.74 7.21
CA VAL A 387 10.58 -8.57 6.05
C VAL A 387 10.05 -10.00 6.25
N ASN A 388 10.28 -10.61 7.43
CA ASN A 388 9.79 -11.96 7.69
C ASN A 388 8.24 -12.03 7.72
N ALA A 389 7.59 -10.96 8.17
CA ALA A 389 6.14 -10.89 8.22
C ALA A 389 5.49 -10.54 6.88
N ARG A 390 6.19 -9.84 5.95
CA ARG A 390 5.60 -9.45 4.66
C ARG A 390 6.01 -10.38 3.47
N LEU A 391 7.14 -11.08 3.62
CA LEU A 391 7.65 -11.95 2.58
C LEU A 391 7.83 -13.39 3.05
N ARG A 392 7.13 -14.34 2.39
CA ARG A 392 7.27 -15.76 2.70
C ARG A 392 8.12 -16.38 1.58
N ALA A 393 9.41 -16.64 1.87
CA ALA A 393 10.34 -17.13 0.86
C ALA A 393 10.92 -18.50 1.13
N LYS A 394 11.34 -19.20 0.04
CA LYS A 394 12.04 -20.47 0.17
C LYS A 394 13.45 -20.20 0.76
N HIS A 395 14.10 -19.08 0.30
CA HIS A 395 15.45 -18.67 0.74
C HIS A 395 15.59 -17.20 1.01
N TYR A 396 16.35 -16.86 2.05
CA TYR A 396 16.60 -15.49 2.48
C TYR A 396 18.11 -15.26 2.47
N VAL A 397 18.54 -14.18 1.80
CA VAL A 397 19.94 -13.81 1.69
C VAL A 397 20.19 -12.44 2.34
N TYR A 398 21.06 -12.39 3.35
CA TYR A 398 21.38 -11.14 4.04
C TYR A 398 22.74 -10.70 3.62
N ILE A 399 22.80 -9.61 2.85
CA ILE A 399 24.08 -9.07 2.38
C ILE A 399 24.38 -7.72 3.05
N GLY A 400 25.60 -7.59 3.54
CA GLY A 400 26.03 -6.36 4.16
C GLY A 400 27.41 -6.49 4.73
N ASP A 401 27.71 -5.62 5.67
CA ASP A 401 29.02 -5.60 6.28
C ASP A 401 28.89 -4.98 7.66
N PRO A 402 29.09 -5.78 8.73
CA PRO A 402 29.04 -5.21 10.09
C PRO A 402 30.17 -4.22 10.39
N ALA A 403 31.18 -4.11 9.53
CA ALA A 403 32.25 -3.11 9.66
C ALA A 403 31.84 -1.74 9.01
N GLN A 404 30.63 -1.65 8.45
CA GLN A 404 30.11 -0.43 7.90
C GLN A 404 29.08 0.20 8.90
N LEU A 405 28.41 1.28 8.48
CA LEU A 405 27.54 2.01 9.39
C LEU A 405 26.17 1.38 9.68
N PRO A 406 25.73 1.48 10.96
CA PRO A 406 24.40 1.03 11.32
C PRO A 406 23.36 2.17 11.15
N ALA A 407 22.06 1.82 11.35
CA ALA A 407 20.96 2.77 11.33
C ALA A 407 21.16 3.73 12.49
N PRO A 408 20.95 5.03 12.28
CA PRO A 408 21.03 5.98 13.41
C PRO A 408 19.99 5.66 14.49
N ARG A 409 20.42 5.65 15.75
CA ARG A 409 19.53 5.38 16.88
C ARG A 409 19.32 6.72 17.55
N THR A 410 18.26 7.42 17.15
CA THR A 410 17.97 8.76 17.63
C THR A 410 17.88 8.91 19.17
N LEU A 411 17.51 7.86 19.93
CA LEU A 411 17.43 7.98 21.39
C LEU A 411 18.78 7.75 22.10
N LEU A 412 19.66 6.98 21.47
CA LEU A 412 20.95 6.60 22.03
C LEU A 412 21.90 7.78 22.17
N THR A 413 22.18 8.20 23.43
CA THR A 413 23.14 9.27 23.71
C THR A 413 24.32 8.82 24.56
N LYS A 414 24.18 7.72 25.31
CA LYS A 414 25.23 7.26 26.19
C LYS A 414 25.83 5.90 25.79
N GLY A 415 27.11 5.88 25.47
CA GLY A 415 27.77 4.65 25.05
C GLY A 415 27.79 4.51 23.54
N THR A 416 28.56 3.55 23.07
CA THR A 416 28.66 3.29 21.63
C THR A 416 28.09 1.92 21.33
N LEU A 417 27.34 1.82 20.24
CA LEU A 417 26.76 0.57 19.81
C LEU A 417 27.74 -0.23 18.96
N GLU A 418 28.29 -1.35 19.49
CA GLU A 418 29.22 -2.22 18.76
C GLU A 418 28.53 -3.01 17.65
N PRO A 419 29.25 -3.35 16.55
CA PRO A 419 28.61 -4.06 15.42
C PRO A 419 27.85 -5.33 15.74
N GLU A 420 28.32 -6.10 16.72
CA GLU A 420 27.61 -7.31 17.11
C GLU A 420 26.21 -7.05 17.67
N TYR A 421 25.87 -5.78 17.93
CA TYR A 421 24.58 -5.42 18.48
C TYR A 421 23.72 -4.60 17.48
N PHE A 422 24.13 -4.48 16.21
CA PHE A 422 23.36 -3.68 15.24
C PHE A 422 21.99 -4.32 15.01
N ASN A 423 21.99 -5.63 14.84
CA ASN A 423 20.79 -6.44 14.61
C ASN A 423 21.19 -7.93 14.67
N SER A 424 20.20 -8.84 14.57
CA SER A 424 20.41 -10.28 14.68
C SER A 424 21.38 -10.83 13.65
N VAL A 425 21.29 -10.34 12.39
CA VAL A 425 22.16 -10.80 11.33
C VAL A 425 23.61 -10.39 11.65
N CYS A 426 23.82 -9.12 12.07
CA CYS A 426 25.15 -8.61 12.43
C CYS A 426 25.70 -9.34 13.62
N ARG A 427 24.84 -9.60 14.61
CA ARG A 427 25.24 -10.38 15.77
C ARG A 427 25.81 -11.77 15.36
N LEU A 428 25.15 -12.48 14.43
CA LEU A 428 25.65 -13.75 13.93
C LEU A 428 27.00 -13.57 13.24
N MET A 429 27.10 -12.61 12.30
CA MET A 429 28.33 -12.36 11.55
C MET A 429 29.52 -12.06 12.46
N LYS A 430 29.28 -11.41 13.60
CA LYS A 430 30.33 -11.09 14.53
C LYS A 430 30.69 -12.21 15.51
N THR A 431 29.73 -13.08 15.85
CA THR A 431 29.95 -14.14 16.84
C THR A 431 30.35 -15.49 16.22
N ILE A 432 29.57 -15.99 15.27
CA ILE A 432 29.86 -17.26 14.60
C ILE A 432 30.47 -17.09 13.18
N GLY A 433 30.61 -15.84 12.72
CA GLY A 433 31.14 -15.56 11.40
C GLY A 433 30.06 -15.59 10.34
N PRO A 434 30.29 -14.90 9.22
CA PRO A 434 29.31 -14.96 8.12
C PRO A 434 29.42 -16.31 7.38
N ASP A 435 28.35 -16.68 6.69
CA ASP A 435 28.37 -17.93 5.90
C ASP A 435 29.26 -17.77 4.67
N MET A 436 29.27 -16.56 4.08
CA MET A 436 30.05 -16.24 2.89
C MET A 436 30.78 -14.89 3.10
N PHE A 437 32.03 -14.79 2.63
CA PHE A 437 32.86 -13.57 2.79
C PHE A 437 33.49 -13.23 1.45
N LEU A 438 33.28 -12.00 0.98
CA LEU A 438 33.88 -11.56 -0.27
C LEU A 438 35.26 -10.96 0.09
N GLY A 439 36.31 -11.75 -0.08
CA GLY A 439 37.64 -11.38 0.36
C GLY A 439 38.49 -10.45 -0.48
N THR A 440 38.02 -10.05 -1.67
CA THR A 440 38.85 -9.20 -2.53
C THR A 440 38.21 -7.88 -2.91
N CYS A 441 38.82 -6.79 -2.43
CA CYS A 441 38.36 -5.46 -2.79
C CYS A 441 38.80 -5.08 -4.21
N ARG A 442 37.88 -4.85 -5.15
CA ARG A 442 38.24 -4.45 -6.50
C ARG A 442 38.22 -2.94 -6.72
N ARG A 443 37.70 -2.17 -5.77
CA ARG A 443 37.53 -0.73 -5.92
C ARG A 443 38.75 0.10 -5.58
N CYS A 444 39.28 -0.08 -4.38
CA CYS A 444 40.23 0.81 -3.77
C CYS A 444 41.66 0.55 -4.09
N PRO A 445 42.47 1.64 -4.15
CA PRO A 445 43.93 1.45 -4.25
C PRO A 445 44.41 0.68 -3.00
N ALA A 446 45.47 -0.12 -3.15
CA ALA A 446 45.94 -0.97 -2.07
C ALA A 446 46.27 -0.29 -0.75
N GLU A 447 46.69 1.01 -0.73
CA GLU A 447 46.94 1.73 0.52
C GLU A 447 45.68 1.74 1.42
N ILE A 448 44.50 1.96 0.80
CA ILE A 448 43.24 1.97 1.49
C ILE A 448 42.84 0.55 1.90
N VAL A 449 42.95 -0.42 0.98
CA VAL A 449 42.61 -1.80 1.28
C VAL A 449 43.45 -2.36 2.46
N ASP A 450 44.77 -2.11 2.46
CA ASP A 450 45.66 -2.55 3.52
C ASP A 450 45.31 -1.90 4.88
N THR A 451 44.99 -0.60 4.86
CA THR A 451 44.61 0.09 6.10
C THR A 451 43.29 -0.53 6.70
N VAL A 452 42.20 -0.65 5.89
CA VAL A 452 40.92 -1.14 6.43
C VAL A 452 40.97 -2.65 6.73
N SER A 453 41.75 -3.43 5.95
CA SER A 453 41.93 -4.85 6.20
C SER A 453 42.46 -5.09 7.61
N ALA A 454 43.48 -4.32 8.04
CA ALA A 454 44.02 -4.41 9.40
C ALA A 454 43.08 -3.78 10.47
N LEU A 455 42.40 -2.68 10.11
CA LEU A 455 41.56 -1.96 11.04
C LEU A 455 40.30 -2.72 11.46
N VAL A 456 39.53 -3.28 10.50
CA VAL A 456 38.26 -3.93 10.81
C VAL A 456 38.04 -5.32 10.22
N TYR A 457 38.96 -5.83 9.35
CA TYR A 457 38.71 -7.12 8.72
C TYR A 457 39.66 -8.23 9.13
N ASP A 458 40.40 -8.08 10.26
CA ASP A 458 41.39 -9.04 10.76
C ASP A 458 42.35 -9.53 9.66
N ASN A 459 42.76 -8.62 8.77
CA ASN A 459 43.68 -8.88 7.67
C ASN A 459 43.18 -9.89 6.67
N LYS A 460 41.86 -10.09 6.58
CA LYS A 460 41.27 -11.03 5.61
C LYS A 460 40.85 -10.34 4.29
N LEU A 461 40.90 -8.99 4.24
CA LEU A 461 40.54 -8.29 3.01
C LEU A 461 41.81 -8.07 2.15
N LYS A 462 41.75 -8.53 0.89
CA LYS A 462 42.86 -8.42 -0.05
C LYS A 462 42.65 -7.33 -1.12
N ALA A 463 43.75 -6.73 -1.60
CA ALA A 463 43.64 -5.71 -2.66
C ALA A 463 43.77 -6.32 -4.02
N HIS A 464 42.86 -5.95 -4.93
CA HIS A 464 42.96 -6.34 -6.31
C HIS A 464 43.87 -5.30 -7.01
N LYS A 465 43.60 -4.00 -6.76
CA LYS A 465 44.41 -2.95 -7.33
C LYS A 465 45.76 -2.89 -6.63
N ASP A 466 46.74 -2.31 -7.36
CA ASP A 466 48.05 -2.01 -6.79
C ASP A 466 47.85 -0.69 -5.97
N LYS A 467 48.89 -0.25 -5.25
CA LYS A 467 48.91 1.04 -4.60
C LYS A 467 48.81 2.12 -5.71
N SER A 468 47.96 3.11 -5.52
CA SER A 468 47.79 4.15 -6.54
C SER A 468 48.87 5.23 -6.49
N ALA A 469 49.54 5.39 -5.32
CA ALA A 469 50.50 6.46 -4.97
C ALA A 469 49.83 7.84 -4.95
N GLN A 470 48.46 7.86 -4.86
CA GLN A 470 47.63 9.05 -4.75
C GLN A 470 46.79 9.03 -3.45
N CYS A 471 47.32 8.42 -2.39
CA CYS A 471 46.66 8.34 -1.10
C CYS A 471 47.52 9.08 -0.13
N PHE A 472 47.02 10.21 0.34
CA PHE A 472 47.77 11.13 1.19
C PHE A 472 47.10 11.39 2.52
N LYS A 473 47.92 11.65 3.53
CA LYS A 473 47.44 11.95 4.84
C LYS A 473 48.18 13.16 5.39
N MET A 474 47.46 13.95 6.17
CA MET A 474 48.05 15.10 6.82
C MET A 474 47.48 15.23 8.22
N PHE A 475 48.35 15.40 9.22
CA PHE A 475 47.94 15.53 10.59
C PHE A 475 47.80 17.02 10.88
N TYR A 476 46.57 17.51 10.97
CA TYR A 476 46.32 18.94 11.17
C TYR A 476 45.08 19.16 12.02
N LYS A 477 45.24 19.44 13.31
CA LYS A 477 44.10 19.59 14.20
C LYS A 477 43.24 20.82 13.89
N GLY A 478 43.83 21.86 13.31
CA GLY A 478 43.13 23.07 12.93
C GLY A 478 42.43 23.74 14.11
N VAL A 479 41.21 24.26 13.86
CA VAL A 479 40.42 24.96 14.86
C VAL A 479 39.01 24.45 14.72
N ILE A 480 38.42 24.04 15.83
CA ILE A 480 37.07 23.51 15.79
C ILE A 480 36.03 24.50 16.27
N THR A 481 35.11 24.83 15.38
CA THR A 481 33.99 25.67 15.71
C THR A 481 32.72 24.80 15.68
N HIS A 482 31.65 25.24 16.32
CA HIS A 482 30.42 24.46 16.38
C HIS A 482 29.23 25.28 15.95
N ASP A 483 28.39 24.68 15.10
CA ASP A 483 27.11 25.23 14.64
C ASP A 483 26.10 24.48 15.49
N VAL A 484 25.78 25.05 16.64
CA VAL A 484 24.93 24.46 17.66
C VAL A 484 25.77 23.29 18.24
N SER A 485 25.68 22.10 17.67
CA SER A 485 26.44 20.95 18.11
C SER A 485 27.30 20.39 16.92
N SER A 486 26.86 20.62 15.64
CA SER A 486 27.57 20.13 14.45
C SER A 486 28.88 20.89 14.20
N ALA A 487 29.97 20.18 13.92
CA ALA A 487 31.29 20.76 13.91
C ALA A 487 31.80 21.27 12.56
N ILE A 488 32.69 22.27 12.62
CA ILE A 488 33.33 22.91 11.49
C ILE A 488 34.82 23.05 11.82
N ASN A 489 35.66 22.84 10.84
CA ASN A 489 37.09 23.04 10.96
C ASN A 489 37.54 23.82 9.70
N ARG A 490 37.46 25.17 9.77
CA ARG A 490 37.85 26.06 8.67
C ARG A 490 39.33 25.90 8.30
N PRO A 491 40.29 25.83 9.26
CA PRO A 491 41.68 25.58 8.88
C PRO A 491 41.91 24.26 8.10
N GLN A 492 41.18 23.17 8.42
CA GLN A 492 41.29 21.93 7.65
C GLN A 492 40.81 22.15 6.19
N ILE A 493 39.75 22.96 5.99
CA ILE A 493 39.32 23.31 4.64
C ILE A 493 40.36 24.21 3.90
N GLY A 494 41.00 25.11 4.63
CA GLY A 494 42.07 25.95 4.10
C GLY A 494 43.24 25.12 3.61
N VAL A 495 43.58 24.05 4.35
CA VAL A 495 44.64 23.12 3.94
C VAL A 495 44.22 22.41 2.61
N VAL A 496 42.93 22.05 2.47
CA VAL A 496 42.42 21.41 1.26
C VAL A 496 42.52 22.38 0.05
N ARG A 497 42.18 23.64 0.29
CA ARG A 497 42.25 24.68 -0.72
C ARG A 497 43.69 24.83 -1.25
N GLU A 498 44.68 24.88 -0.34
CA GLU A 498 46.08 24.97 -0.72
C GLU A 498 46.53 23.73 -1.51
N PHE A 499 46.09 22.56 -1.07
CA PHE A 499 46.41 21.31 -1.75
C PHE A 499 45.84 21.30 -3.20
N LEU A 500 44.59 21.78 -3.39
CA LEU A 500 43.96 21.80 -4.68
C LEU A 500 44.69 22.65 -5.68
N THR A 501 45.27 23.79 -5.21
CA THR A 501 46.03 24.68 -6.10
C THR A 501 47.24 23.94 -6.69
N ARG A 502 47.88 23.06 -5.91
CA ARG A 502 49.06 22.29 -6.36
C ARG A 502 48.73 20.93 -6.98
N ASN A 503 47.47 20.52 -6.89
CA ASN A 503 47.01 19.22 -7.34
C ASN A 503 45.70 19.39 -8.12
N PRO A 504 45.79 20.08 -9.29
CA PRO A 504 44.58 20.37 -10.09
C PRO A 504 43.73 19.16 -10.52
N ALA A 505 44.33 17.97 -10.65
CA ALA A 505 43.54 16.77 -10.97
C ALA A 505 42.50 16.47 -9.88
N TRP A 506 42.79 16.86 -8.64
CA TRP A 506 41.88 16.69 -7.51
C TRP A 506 40.65 17.58 -7.56
N ARG A 507 40.52 18.38 -8.66
CA ARG A 507 39.48 19.35 -8.99
C ARG A 507 38.09 18.75 -8.93
N LYS A 508 37.96 17.48 -9.34
CA LYS A 508 36.70 16.76 -9.37
C LYS A 508 36.45 15.88 -8.13
N ALA A 509 37.31 15.94 -7.10
CA ALA A 509 37.13 15.14 -5.88
C ALA A 509 35.80 15.44 -5.16
N VAL A 510 35.32 14.46 -4.37
CA VAL A 510 34.15 14.62 -3.54
C VAL A 510 34.68 14.91 -2.16
N PHE A 511 34.14 15.93 -1.50
CA PHE A 511 34.54 16.29 -0.16
C PHE A 511 33.66 15.51 0.82
N ILE A 512 34.29 14.78 1.73
CA ILE A 512 33.60 14.00 2.74
C ILE A 512 34.11 14.42 4.10
N SER A 513 33.21 14.50 5.08
CA SER A 513 33.52 14.75 6.46
C SER A 513 32.42 14.09 7.32
N PRO A 514 32.67 13.90 8.64
CA PRO A 514 31.61 13.35 9.52
C PRO A 514 30.51 14.39 9.87
N TYR A 515 30.60 15.65 9.41
CA TYR A 515 29.65 16.71 9.80
C TYR A 515 28.98 17.49 8.67
N ASN A 516 27.66 17.66 8.73
CA ASN A 516 26.92 18.47 7.74
C ASN A 516 27.42 19.96 7.70
N SER A 517 27.71 20.57 8.87
CA SER A 517 28.18 21.95 8.90
C SER A 517 29.54 22.13 8.27
N GLN A 518 30.46 21.17 8.50
CA GLN A 518 31.77 21.20 7.87
C GLN A 518 31.60 21.13 6.32
N ASN A 519 30.70 20.27 5.84
CA ASN A 519 30.38 20.07 4.42
C ASN A 519 29.78 21.32 3.79
N ALA A 520 28.91 22.05 4.52
CA ALA A 520 28.30 23.29 4.05
C ALA A 520 29.38 24.36 3.85
N VAL A 521 30.33 24.44 4.80
CA VAL A 521 31.44 25.39 4.70
C VAL A 521 32.39 25.02 3.54
N ALA A 522 32.77 23.73 3.42
CA ALA A 522 33.63 23.28 2.35
C ALA A 522 32.98 23.51 0.98
N SER A 523 31.65 23.36 0.89
CA SER A 523 30.93 23.54 -0.36
C SER A 523 31.05 24.96 -0.90
N LYS A 524 31.00 25.96 0.01
CA LYS A 524 31.13 27.37 -0.37
C LYS A 524 32.61 27.74 -0.69
N ILE A 525 33.54 27.29 0.16
CA ILE A 525 34.96 27.61 -0.03
C ILE A 525 35.62 26.84 -1.18
N LEU A 526 35.34 25.54 -1.31
CA LEU A 526 36.01 24.70 -2.31
C LEU A 526 35.23 24.47 -3.59
N GLY A 527 33.89 24.53 -3.50
CA GLY A 527 33.04 24.27 -4.65
C GLY A 527 32.94 22.80 -5.05
N LEU A 528 33.50 21.90 -4.22
CA LEU A 528 33.44 20.46 -4.48
C LEU A 528 32.06 19.95 -4.08
N PRO A 529 31.59 18.86 -4.73
CA PRO A 529 30.40 18.18 -4.22
C PRO A 529 30.74 17.63 -2.84
N THR A 530 29.74 17.62 -2.00
CA THR A 530 29.88 17.26 -0.61
C THR A 530 29.07 16.02 -0.27
N GLN A 531 29.46 15.37 0.81
CA GLN A 531 28.80 14.17 1.31
C GLN A 531 29.24 13.89 2.74
N THR A 532 28.31 13.49 3.67
CA THR A 532 28.74 13.08 5.01
C THR A 532 29.24 11.65 4.85
N VAL A 533 29.96 11.10 5.84
CA VAL A 533 30.39 9.69 5.74
C VAL A 533 29.18 8.77 5.63
N ASP A 534 28.17 9.01 6.47
CA ASP A 534 26.93 8.23 6.52
C ASP A 534 26.20 8.24 5.15
N SER A 535 26.10 9.38 4.46
CA SER A 535 25.43 9.39 3.15
C SER A 535 26.33 8.92 1.99
N SER A 536 27.65 8.77 2.21
CA SER A 536 28.56 8.27 1.18
C SER A 536 28.51 6.74 1.06
N GLN A 537 28.04 6.04 2.12
CA GLN A 537 27.96 4.57 2.16
C GLN A 537 27.21 4.02 0.96
N GLY A 538 27.85 3.06 0.27
CA GLY A 538 27.34 2.44 -0.94
C GLY A 538 27.74 3.14 -2.24
N SER A 539 28.37 4.33 -2.14
CA SER A 539 28.82 5.13 -3.29
C SER A 539 30.33 5.08 -3.47
N GLU A 540 30.81 5.35 -4.69
CA GLU A 540 32.24 5.36 -4.97
C GLU A 540 32.61 6.50 -5.87
N TYR A 541 33.80 7.06 -5.65
CA TYR A 541 34.29 8.21 -6.39
C TYR A 541 35.75 8.00 -6.70
N ASP A 542 36.21 8.57 -7.83
CA ASP A 542 37.62 8.51 -8.20
C ASP A 542 38.50 9.13 -7.09
N TYR A 543 38.16 10.36 -6.67
CA TYR A 543 38.95 11.05 -5.66
C TYR A 543 38.10 11.51 -4.52
N VAL A 544 38.64 11.36 -3.33
CA VAL A 544 37.94 11.73 -2.12
C VAL A 544 38.82 12.58 -1.30
N ILE A 545 38.26 13.66 -0.73
CA ILE A 545 38.98 14.52 0.18
C ILE A 545 38.19 14.44 1.50
N PHE A 546 38.84 13.90 2.54
CA PHE A 546 38.24 13.73 3.83
C PHE A 546 38.90 14.63 4.85
N THR A 547 38.10 15.42 5.56
CA THR A 547 38.62 16.20 6.70
C THR A 547 37.95 15.58 7.94
N GLN A 548 38.73 15.06 8.91
CA GLN A 548 38.15 14.47 10.10
C GLN A 548 37.35 15.43 10.98
N THR A 549 37.62 16.77 10.84
CA THR A 549 36.95 17.92 11.51
C THR A 549 37.29 18.00 13.01
N THR A 550 37.01 16.93 13.77
CA THR A 550 37.22 16.85 15.22
C THR A 550 37.80 15.47 15.61
N GLU A 551 38.14 15.29 16.89
CA GLU A 551 38.54 13.96 17.37
C GLU A 551 37.54 13.48 18.43
N THR A 552 36.26 13.40 18.07
CA THR A 552 35.18 12.91 18.93
C THR A 552 34.97 11.39 18.74
N ALA A 553 34.11 10.74 19.57
CA ALA A 553 33.74 9.33 19.37
C ALA A 553 33.09 9.17 17.97
N HIS A 554 32.27 10.15 17.57
CA HIS A 554 31.65 10.18 16.25
C HIS A 554 32.68 10.17 15.08
N SER A 555 33.68 11.08 15.11
CA SER A 555 34.63 11.18 14.01
C SER A 555 35.72 10.12 14.05
N CYS A 556 35.93 9.47 15.20
CA CYS A 556 36.95 8.42 15.38
C CYS A 556 36.39 7.02 15.25
N ASN A 557 35.07 6.88 15.05
CA ASN A 557 34.40 5.61 14.96
C ASN A 557 35.01 4.77 13.82
N VAL A 558 35.50 3.55 14.13
CA VAL A 558 36.21 2.77 13.11
C VAL A 558 35.34 2.38 11.96
N ASN A 559 34.03 2.12 12.18
CA ASN A 559 33.14 1.78 11.05
C ASN A 559 32.99 2.97 10.10
N ARG A 560 32.82 4.17 10.68
CA ARG A 560 32.67 5.41 9.94
C ARG A 560 33.98 5.72 9.20
N PHE A 561 35.14 5.56 9.86
CA PHE A 561 36.42 5.79 9.22
C PHE A 561 36.63 4.82 8.02
N ASN A 562 36.28 3.54 8.21
CA ASN A 562 36.31 2.50 7.20
C ASN A 562 35.48 2.92 5.97
N VAL A 563 34.22 3.34 6.18
CA VAL A 563 33.36 3.80 5.10
C VAL A 563 33.95 5.01 4.41
N ALA A 564 34.41 5.98 5.18
CA ALA A 564 34.99 7.19 4.63
C ALA A 564 36.12 6.96 3.62
N ILE A 565 37.13 6.16 3.99
CA ILE A 565 38.28 6.00 3.12
C ILE A 565 38.08 4.97 1.99
N THR A 566 37.10 4.04 2.15
CA THR A 566 36.81 3.05 1.13
C THR A 566 35.85 3.58 0.01
N ARG A 567 35.55 4.90 0.00
CA ARG A 567 34.72 5.47 -1.09
C ARG A 567 35.58 5.72 -2.36
N ALA A 568 36.91 5.81 -2.21
CA ALA A 568 37.86 6.16 -3.26
C ALA A 568 38.29 5.01 -4.17
N LYS A 569 38.22 5.24 -5.48
CA LYS A 569 38.68 4.28 -6.50
C LYS A 569 40.14 4.55 -6.87
N VAL A 570 40.56 5.83 -6.84
CA VAL A 570 41.88 6.23 -7.31
C VAL A 570 42.76 6.87 -6.21
N GLY A 571 42.31 8.00 -5.67
CA GLY A 571 43.09 8.69 -4.67
C GLY A 571 42.25 9.21 -3.52
N ILE A 572 42.91 9.45 -2.40
CA ILE A 572 42.27 10.02 -1.23
C ILE A 572 43.24 10.96 -0.50
N LEU A 573 42.72 12.11 -0.01
CA LEU A 573 43.47 13.03 0.83
C LEU A 573 42.74 12.99 2.17
N CYS A 574 43.45 12.63 3.27
CA CYS A 574 42.85 12.59 4.58
C CYS A 574 43.51 13.63 5.44
N ILE A 575 42.75 14.65 5.89
CA ILE A 575 43.26 15.66 6.83
C ILE A 575 42.69 15.16 8.17
N MET A 576 43.56 14.69 9.06
CA MET A 576 43.24 14.01 10.32
C MET A 576 43.42 14.84 11.57
N SER A 577 42.60 14.55 12.55
CA SER A 577 42.61 15.19 13.86
C SER A 577 43.09 14.19 14.91
N ASP A 578 42.82 12.90 14.73
CA ASP A 578 43.17 11.81 15.65
C ASP A 578 44.50 11.16 15.27
N ARG A 579 45.47 11.21 16.19
CA ARG A 579 46.79 10.67 15.97
C ARG A 579 46.76 9.16 15.69
N ASP A 580 45.90 8.44 16.42
CA ASP A 580 45.73 6.99 16.31
C ASP A 580 45.33 6.58 14.87
N LEU A 581 44.21 7.10 14.36
CA LEU A 581 43.77 6.77 13.01
C LEU A 581 44.75 7.31 11.95
N TYR A 582 45.40 8.47 12.23
CA TYR A 582 46.39 9.04 11.31
C TYR A 582 47.58 8.07 11.18
N ASP A 583 48.06 7.49 12.31
CA ASP A 583 49.19 6.57 12.24
C ASP A 583 48.83 5.27 11.53
N LYS A 584 47.56 4.85 11.62
CA LYS A 584 47.12 3.62 11.00
C LYS A 584 46.92 3.77 9.49
N LEU A 585 46.73 5.00 8.97
CA LEU A 585 46.60 5.19 7.52
C LEU A 585 47.95 4.87 6.80
N GLN A 586 47.93 3.88 5.90
CA GLN A 586 49.13 3.46 5.17
C GLN A 586 49.26 4.29 3.89
N PHE A 587 49.37 5.61 4.09
CA PHE A 587 49.37 6.66 3.08
C PHE A 587 50.68 7.43 3.19
N THR A 588 51.01 8.15 2.12
CA THR A 588 52.14 9.04 2.06
C THR A 588 51.75 10.29 2.85
N SER A 589 52.55 10.69 3.85
CA SER A 589 52.24 11.91 4.59
C SER A 589 52.67 13.16 3.84
N LEU A 590 51.87 14.21 3.96
CA LEU A 590 52.15 15.50 3.39
C LEU A 590 52.56 16.47 4.51
N GLU A 591 53.38 17.49 4.17
CA GLU A 591 53.83 18.51 5.11
C GLU A 591 52.99 19.80 5.02
N ILE A 592 53.19 20.73 6.00
CA ILE A 592 52.57 22.05 6.27
C ILE A 592 51.73 21.92 7.54
N VAL B 2 5.56 -21.59 -14.52
CA VAL B 2 4.98 -22.80 -13.94
C VAL B 2 3.80 -22.55 -12.97
N GLY B 3 2.64 -23.17 -13.24
CA GLY B 3 1.42 -22.99 -12.44
C GLY B 3 0.25 -23.87 -12.87
N ALA B 4 -1.00 -23.45 -12.59
CA ALA B 4 -2.20 -24.23 -12.90
C ALA B 4 -3.08 -23.68 -14.04
N CYS B 5 -3.57 -24.60 -14.90
CA CYS B 5 -4.45 -24.33 -16.04
C CYS B 5 -5.74 -23.62 -15.60
N VAL B 6 -6.10 -22.53 -16.29
CA VAL B 6 -7.34 -21.84 -15.97
C VAL B 6 -8.59 -22.65 -16.34
N LEU B 7 -8.51 -23.54 -17.34
CA LEU B 7 -9.66 -24.34 -17.72
C LEU B 7 -9.80 -25.69 -17.01
N CYS B 8 -8.66 -26.33 -16.69
CA CYS B 8 -8.50 -27.69 -16.16
C CYS B 8 -8.02 -27.78 -14.74
N ASN B 9 -7.18 -26.83 -14.37
CA ASN B 9 -6.38 -26.83 -13.15
C ASN B 9 -5.16 -27.77 -13.26
N SER B 10 -4.99 -28.54 -14.38
CA SER B 10 -3.84 -29.43 -14.57
C SER B 10 -2.58 -28.59 -14.56
N GLN B 11 -1.53 -29.03 -13.83
CA GLN B 11 -0.24 -28.33 -13.74
C GLN B 11 0.31 -27.99 -15.11
N THR B 12 1.09 -26.91 -15.25
CA THR B 12 1.60 -26.50 -16.57
C THR B 12 2.82 -25.59 -16.51
N SER B 13 3.68 -25.71 -17.54
CA SER B 13 4.80 -24.80 -17.76
C SER B 13 4.48 -23.82 -18.94
N LEU B 14 3.20 -23.70 -19.35
CA LEU B 14 2.77 -22.87 -20.49
C LEU B 14 1.79 -21.77 -20.09
N ARG B 15 1.91 -20.65 -20.80
CA ARG B 15 1.03 -19.51 -20.66
C ARG B 15 0.78 -19.02 -22.03
N CYS B 16 -0.43 -18.53 -22.27
CA CYS B 16 -0.70 -17.89 -23.55
C CYS B 16 -0.04 -16.52 -23.52
N GLY B 17 0.77 -16.24 -24.52
CA GLY B 17 1.46 -14.97 -24.65
C GLY B 17 0.64 -13.88 -25.32
N ALA B 18 -0.44 -14.28 -26.06
CA ALA B 18 -1.34 -13.35 -26.74
C ALA B 18 -2.50 -12.87 -25.85
N CYS B 19 -2.76 -13.60 -24.73
CA CYS B 19 -3.76 -13.24 -23.73
C CYS B 19 -3.16 -12.15 -22.88
N ILE B 20 -3.89 -11.05 -22.67
CA ILE B 20 -3.34 -9.94 -21.85
C ILE B 20 -3.08 -10.38 -20.38
N ARG B 21 -3.84 -11.35 -19.89
CA ARG B 21 -3.61 -11.89 -18.55
C ARG B 21 -2.57 -13.05 -18.51
N ARG B 22 -2.08 -13.50 -19.70
CA ARG B 22 -1.13 -14.58 -19.89
C ARG B 22 -1.50 -15.81 -19.04
N PRO B 23 -2.73 -16.33 -19.22
CA PRO B 23 -3.18 -17.43 -18.36
C PRO B 23 -2.36 -18.71 -18.53
N PHE B 24 -2.20 -19.48 -17.43
CA PHE B 24 -1.58 -20.80 -17.57
C PHE B 24 -2.60 -21.70 -18.27
N LEU B 25 -2.13 -22.40 -19.29
CA LEU B 25 -2.94 -23.35 -20.01
C LEU B 25 -2.09 -24.63 -20.08
N CYS B 26 -2.67 -25.79 -19.71
CA CYS B 26 -1.93 -27.06 -19.77
C CYS B 26 -1.62 -27.42 -21.25
N CYS B 27 -0.94 -28.54 -21.47
CA CYS B 27 -0.60 -28.99 -22.81
C CYS B 27 -1.82 -29.14 -23.73
N LYS B 28 -2.93 -29.70 -23.19
CA LYS B 28 -4.15 -29.92 -23.95
C LYS B 28 -4.93 -28.62 -24.19
N CYS B 29 -5.16 -27.81 -23.14
CA CYS B 29 -5.95 -26.59 -23.26
C CYS B 29 -5.24 -25.51 -24.06
N CYS B 30 -3.89 -25.46 -23.95
CA CYS B 30 -3.08 -24.51 -24.70
C CYS B 30 -3.23 -24.80 -26.19
N TYR B 31 -3.16 -26.09 -26.57
CA TYR B 31 -3.35 -26.50 -27.94
C TYR B 31 -4.75 -26.10 -28.45
N ASP B 32 -5.83 -26.47 -27.72
CA ASP B 32 -7.18 -26.10 -28.15
C ASP B 32 -7.37 -24.59 -28.27
N HIS B 33 -6.65 -23.80 -27.45
CA HIS B 33 -6.72 -22.35 -27.55
C HIS B 33 -5.99 -21.85 -28.81
N VAL B 34 -4.71 -22.26 -28.99
CA VAL B 34 -3.93 -21.75 -30.13
C VAL B 34 -4.51 -22.19 -31.45
N ILE B 35 -5.05 -23.41 -31.57
CA ILE B 35 -5.54 -23.88 -32.87
C ILE B 35 -6.90 -23.28 -33.29
N SER B 36 -7.64 -22.63 -32.37
CA SER B 36 -8.93 -22.07 -32.72
C SER B 36 -9.04 -20.55 -32.52
N THR B 37 -7.95 -19.87 -32.12
CA THR B 37 -7.95 -18.42 -32.01
C THR B 37 -6.75 -17.84 -32.79
N SER B 38 -6.68 -16.50 -32.91
CA SER B 38 -5.50 -15.85 -33.49
C SER B 38 -4.31 -15.87 -32.48
N HIS B 39 -4.49 -16.43 -31.27
CA HIS B 39 -3.46 -16.46 -30.25
C HIS B 39 -2.47 -17.57 -30.55
N LYS B 40 -1.25 -17.24 -31.01
CA LYS B 40 -0.24 -18.26 -31.35
C LYS B 40 1.07 -18.15 -30.56
N LEU B 41 1.21 -17.12 -29.70
CA LEU B 41 2.44 -16.99 -28.91
C LEU B 41 2.23 -17.75 -27.61
N VAL B 42 3.15 -18.67 -27.29
CA VAL B 42 3.15 -19.49 -26.09
C VAL B 42 4.40 -19.22 -25.27
N LEU B 43 4.26 -19.11 -23.94
CA LEU B 43 5.36 -18.81 -23.03
C LEU B 43 5.61 -19.98 -22.12
N SER B 44 6.87 -20.35 -21.94
CA SER B 44 7.33 -21.38 -20.99
C SER B 44 8.41 -20.68 -20.13
N VAL B 45 9.51 -21.37 -19.72
CA VAL B 45 10.64 -20.73 -19.02
C VAL B 45 11.19 -19.57 -19.94
N ASN B 46 11.26 -19.88 -21.24
CA ASN B 46 11.59 -18.99 -22.34
C ASN B 46 10.37 -19.00 -23.31
N PRO B 47 10.10 -17.88 -24.02
CA PRO B 47 8.98 -17.89 -24.97
C PRO B 47 9.31 -18.80 -26.15
N TYR B 48 8.26 -19.35 -26.72
CA TYR B 48 8.39 -20.22 -27.87
C TYR B 48 8.54 -19.32 -29.06
N VAL B 49 9.80 -19.13 -29.46
CA VAL B 49 10.18 -18.27 -30.58
C VAL B 49 11.41 -18.90 -31.27
N CYS B 50 11.58 -18.64 -32.57
CA CYS B 50 12.75 -19.17 -33.27
C CYS B 50 14.06 -18.50 -32.77
N ASN B 51 14.99 -19.34 -32.30
CA ASN B 51 16.29 -18.90 -31.81
C ASN B 51 17.33 -18.69 -32.96
N ALA B 52 16.94 -18.90 -34.24
CA ALA B 52 17.84 -18.64 -35.37
C ALA B 52 17.97 -17.13 -35.51
N PRO B 53 19.22 -16.66 -35.75
CA PRO B 53 19.44 -15.21 -35.84
C PRO B 53 18.59 -14.50 -36.90
N GLY B 54 17.95 -13.39 -36.49
CA GLY B 54 17.13 -12.56 -37.36
C GLY B 54 15.77 -13.11 -37.74
N CYS B 55 15.42 -14.30 -37.23
CA CYS B 55 14.15 -14.91 -37.53
C CYS B 55 13.06 -14.35 -36.64
N ASP B 56 11.89 -14.05 -37.22
CA ASP B 56 10.77 -13.50 -36.45
C ASP B 56 9.60 -14.49 -36.25
N VAL B 57 9.85 -15.82 -36.41
CA VAL B 57 8.80 -16.81 -36.22
C VAL B 57 8.51 -16.98 -34.72
N THR B 58 7.28 -16.62 -34.31
CA THR B 58 6.76 -16.70 -32.93
C THR B 58 5.50 -17.59 -32.81
N ASP B 59 4.91 -18.00 -33.95
CA ASP B 59 3.72 -18.86 -33.99
C ASP B 59 4.13 -20.27 -33.57
N VAL B 60 3.57 -20.76 -32.45
CA VAL B 60 3.81 -22.08 -31.85
C VAL B 60 3.56 -23.23 -32.84
N THR B 61 2.55 -23.08 -33.72
CA THR B 61 2.20 -24.10 -34.70
C THR B 61 3.27 -24.21 -35.82
N GLN B 62 4.13 -23.19 -35.98
CA GLN B 62 5.23 -23.15 -36.94
C GLN B 62 6.59 -23.39 -36.25
N LEU B 63 6.62 -23.78 -34.95
CA LEU B 63 7.86 -23.98 -34.18
C LEU B 63 8.07 -25.42 -33.72
N TYR B 64 9.36 -25.78 -33.49
CA TYR B 64 9.85 -27.13 -33.13
C TYR B 64 10.92 -27.08 -32.02
N LEU B 65 11.03 -28.13 -31.17
CA LEU B 65 12.13 -28.21 -30.22
C LEU B 65 13.28 -29.00 -30.87
N GLY B 66 14.37 -28.30 -31.13
CA GLY B 66 15.61 -28.83 -31.69
C GLY B 66 16.65 -28.78 -30.61
N GLY B 67 16.89 -29.93 -29.97
CA GLY B 67 17.82 -30.03 -28.85
C GLY B 67 17.23 -29.38 -27.62
N MET B 68 17.85 -28.27 -27.20
CA MET B 68 17.38 -27.48 -26.06
C MET B 68 16.77 -26.10 -26.46
N SER B 69 16.87 -25.74 -27.76
CA SER B 69 16.41 -24.49 -28.34
C SER B 69 15.20 -24.71 -29.31
N TYR B 70 14.43 -23.65 -29.59
CA TYR B 70 13.26 -23.69 -30.44
C TYR B 70 13.58 -23.05 -31.78
N TYR B 71 13.05 -23.65 -32.88
CA TYR B 71 13.27 -23.16 -34.24
C TYR B 71 12.04 -23.33 -35.11
N CYS B 72 11.94 -22.55 -36.18
CA CYS B 72 10.87 -22.70 -37.14
C CYS B 72 11.24 -23.81 -38.17
N LYS B 73 10.31 -24.15 -39.07
CA LYS B 73 10.54 -25.14 -40.12
C LYS B 73 11.77 -24.78 -40.98
N SER B 74 12.06 -23.47 -41.14
CA SER B 74 13.20 -22.96 -41.91
C SER B 74 14.54 -23.04 -41.18
N HIS B 75 14.53 -23.20 -39.85
CA HIS B 75 15.78 -23.18 -39.09
C HIS B 75 16.06 -24.39 -38.22
N LYS B 76 15.10 -25.29 -38.08
CA LYS B 76 15.26 -26.44 -37.19
C LYS B 76 16.34 -27.46 -37.65
N PRO B 77 17.00 -28.16 -36.69
CA PRO B 77 17.94 -29.21 -37.08
C PRO B 77 17.20 -30.50 -37.50
N PRO B 78 17.88 -31.47 -38.16
CA PRO B 78 17.16 -32.71 -38.58
C PRO B 78 16.50 -33.48 -37.44
N ILE B 79 17.11 -33.45 -36.24
CA ILE B 79 16.53 -34.08 -35.07
C ILE B 79 15.77 -33.01 -34.25
N SER B 80 14.43 -32.95 -34.47
CA SER B 80 13.53 -31.97 -33.86
C SER B 80 12.07 -32.43 -33.94
N PHE B 81 11.24 -32.01 -32.96
CA PHE B 81 9.82 -32.38 -32.94
C PHE B 81 8.93 -31.13 -32.87
N PRO B 82 7.75 -31.13 -33.53
CA PRO B 82 6.90 -29.92 -33.47
C PRO B 82 6.42 -29.60 -32.05
N LEU B 83 6.44 -28.32 -31.67
CA LEU B 83 5.93 -27.93 -30.33
C LEU B 83 4.39 -28.17 -30.27
N CYS B 84 3.70 -27.93 -31.35
CA CYS B 84 2.27 -28.02 -31.40
C CYS B 84 1.81 -29.15 -32.35
N ALA B 85 1.40 -30.30 -31.79
CA ALA B 85 0.93 -31.49 -32.52
C ALA B 85 0.30 -32.51 -31.57
N ASN B 86 -0.58 -33.40 -32.12
CA ASN B 86 -1.25 -34.48 -31.38
C ASN B 86 -2.23 -33.98 -30.31
N GLY B 87 -2.78 -32.81 -30.51
CA GLY B 87 -3.70 -32.22 -29.54
C GLY B 87 -3.05 -31.58 -28.31
N GLN B 88 -1.71 -31.41 -28.37
CA GLN B 88 -0.97 -30.85 -27.26
C GLN B 88 0.13 -29.91 -27.69
N VAL B 89 0.44 -28.96 -26.82
CA VAL B 89 1.58 -28.06 -26.98
C VAL B 89 2.65 -28.61 -26.02
N PHE B 90 3.89 -28.76 -26.49
CA PHE B 90 4.97 -29.27 -25.67
C PHE B 90 5.24 -28.38 -24.44
N GLY B 91 5.29 -29.00 -23.28
CA GLY B 91 5.58 -28.36 -22.00
C GLY B 91 5.64 -29.40 -20.89
N LEU B 92 5.99 -28.97 -19.67
CA LEU B 92 6.05 -29.86 -18.49
C LEU B 92 4.68 -30.40 -18.12
N TYR B 93 4.64 -31.53 -17.37
CA TYR B 93 3.41 -32.13 -16.83
C TYR B 93 2.48 -32.69 -17.93
N LYS B 94 3.07 -33.08 -19.08
CA LYS B 94 2.36 -33.63 -20.25
C LYS B 94 1.50 -34.89 -19.93
N ASN B 95 1.89 -35.67 -18.92
CA ASN B 95 1.18 -36.88 -18.51
C ASN B 95 -0.04 -36.61 -17.61
N THR B 96 -0.02 -35.49 -16.86
CA THR B 96 -1.13 -35.07 -15.98
C THR B 96 -1.88 -33.93 -16.67
N CYS B 97 -2.66 -34.29 -17.68
CA CYS B 97 -3.34 -33.37 -18.56
C CYS B 97 -4.79 -33.78 -18.78
N VAL B 98 -5.74 -33.10 -18.14
CA VAL B 98 -7.16 -33.45 -18.24
C VAL B 98 -7.85 -33.03 -19.56
N GLY B 99 -7.75 -31.75 -19.91
CA GLY B 99 -8.44 -31.23 -21.08
C GLY B 99 -9.79 -30.63 -20.72
N SER B 100 -10.46 -30.00 -21.68
CA SER B 100 -11.75 -29.38 -21.44
C SER B 100 -12.62 -29.42 -22.68
N ASP B 101 -13.92 -29.71 -22.50
CA ASP B 101 -14.91 -29.81 -23.58
C ASP B 101 -15.31 -28.40 -24.09
N ASN B 102 -15.46 -27.43 -23.16
CA ASN B 102 -15.85 -26.07 -23.50
C ASN B 102 -14.71 -25.04 -23.45
N VAL B 103 -13.76 -25.20 -24.39
CA VAL B 103 -12.70 -24.20 -24.61
C VAL B 103 -13.34 -22.93 -25.28
N THR B 104 -14.56 -23.08 -25.90
CA THR B 104 -15.36 -22.08 -26.60
C THR B 104 -15.56 -20.81 -25.77
N ASP B 105 -16.04 -20.94 -24.51
CA ASP B 105 -16.26 -19.82 -23.60
C ASP B 105 -14.93 -19.14 -23.21
N PHE B 106 -13.86 -19.93 -22.95
CA PHE B 106 -12.54 -19.38 -22.63
C PHE B 106 -12.03 -18.53 -23.83
N ASN B 107 -12.16 -19.04 -25.04
CA ASN B 107 -11.71 -18.35 -26.25
C ASN B 107 -12.42 -17.01 -26.41
N ALA B 108 -13.75 -16.99 -26.17
CA ALA B 108 -14.56 -15.77 -26.29
C ALA B 108 -14.14 -14.71 -25.26
N ILE B 109 -13.90 -15.11 -23.99
CA ILE B 109 -13.46 -14.16 -22.98
C ILE B 109 -12.07 -13.60 -23.31
N ALA B 110 -11.15 -14.47 -23.77
CA ALA B 110 -9.75 -14.13 -24.09
C ALA B 110 -9.61 -13.16 -25.26
N THR B 111 -10.53 -13.22 -26.24
CA THR B 111 -10.42 -12.43 -27.45
C THR B 111 -11.42 -11.26 -27.60
N CYS B 112 -12.50 -11.20 -26.78
CA CYS B 112 -13.52 -10.12 -26.89
C CYS B 112 -12.97 -8.74 -26.49
N ASP B 113 -13.64 -7.67 -26.92
CA ASP B 113 -13.20 -6.31 -26.62
C ASP B 113 -13.96 -5.65 -25.45
N TRP B 114 -14.98 -6.35 -24.89
CA TRP B 114 -15.81 -5.89 -23.78
C TRP B 114 -16.67 -4.68 -24.12
N THR B 115 -16.98 -4.44 -25.42
CA THR B 115 -17.84 -3.32 -25.80
C THR B 115 -19.33 -3.72 -25.91
N ASN B 116 -19.63 -5.04 -25.92
CA ASN B 116 -20.98 -5.57 -26.06
C ASN B 116 -21.48 -6.13 -24.72
N ALA B 117 -22.82 -6.06 -24.49
CA ALA B 117 -23.42 -6.57 -23.28
C ALA B 117 -23.27 -8.12 -23.19
N GLY B 118 -23.30 -8.80 -24.32
CA GLY B 118 -23.14 -10.24 -24.39
C GLY B 118 -21.84 -10.76 -23.81
N ASP B 119 -20.80 -9.90 -23.77
CA ASP B 119 -19.49 -10.22 -23.18
C ASP B 119 -19.60 -10.33 -21.65
N TYR B 120 -20.42 -9.46 -21.05
CA TYR B 120 -20.64 -9.44 -19.61
C TYR B 120 -21.62 -10.55 -19.19
N ILE B 121 -22.56 -10.92 -20.09
CA ILE B 121 -23.50 -12.01 -19.89
C ILE B 121 -22.66 -13.29 -19.80
N LEU B 122 -21.80 -13.58 -20.83
CA LEU B 122 -20.90 -14.72 -20.84
C LEU B 122 -20.00 -14.72 -19.59
N ALA B 123 -19.42 -13.57 -19.19
CA ALA B 123 -18.56 -13.50 -17.99
C ALA B 123 -19.30 -13.78 -16.67
N ASN B 124 -20.63 -13.81 -16.69
CA ASN B 124 -21.43 -14.11 -15.50
C ASN B 124 -22.17 -15.44 -15.57
N THR B 125 -22.17 -16.11 -16.74
CA THR B 125 -22.86 -17.38 -16.88
C THR B 125 -21.88 -18.58 -16.97
N CYS B 126 -20.58 -18.33 -17.25
CA CYS B 126 -19.51 -19.32 -17.38
C CYS B 126 -19.15 -19.99 -16.05
N THR B 127 -18.21 -20.96 -16.06
CA THR B 127 -17.78 -21.63 -14.82
C THR B 127 -17.14 -20.64 -13.86
N GLU B 128 -17.04 -21.01 -12.58
CA GLU B 128 -16.45 -20.12 -11.59
C GLU B 128 -15.03 -19.68 -11.95
N ARG B 129 -14.20 -20.61 -12.42
CA ARG B 129 -12.83 -20.26 -12.79
C ARG B 129 -12.78 -19.32 -14.00
N LEU B 130 -13.72 -19.47 -14.92
CA LEU B 130 -13.81 -18.57 -16.09
C LEU B 130 -14.38 -17.19 -15.69
N LYS B 131 -15.14 -17.11 -14.58
CA LYS B 131 -15.64 -15.83 -14.06
C LYS B 131 -14.44 -15.01 -13.57
N LEU B 132 -13.47 -15.64 -12.90
CA LEU B 132 -12.29 -14.95 -12.40
C LEU B 132 -11.40 -14.55 -13.57
N PHE B 133 -11.24 -15.42 -14.57
CA PHE B 133 -10.45 -15.11 -15.77
C PHE B 133 -11.07 -13.91 -16.49
N ALA B 134 -12.41 -13.93 -16.72
CA ALA B 134 -13.14 -12.84 -17.36
C ALA B 134 -13.05 -11.53 -16.54
N ALA B 135 -13.11 -11.60 -15.21
CA ALA B 135 -13.03 -10.41 -14.37
C ALA B 135 -11.63 -9.74 -14.42
N GLU B 136 -10.54 -10.53 -14.39
CA GLU B 136 -9.19 -10.00 -14.48
C GLU B 136 -8.97 -9.39 -15.88
N THR B 137 -9.40 -10.13 -16.94
CA THR B 137 -9.23 -9.73 -18.33
C THR B 137 -9.93 -8.41 -18.59
N LEU B 138 -11.20 -8.31 -18.15
CA LEU B 138 -12.00 -7.11 -18.27
C LEU B 138 -11.34 -5.96 -17.49
N LYS B 139 -10.93 -6.16 -16.22
CA LYS B 139 -10.32 -5.08 -15.43
C LYS B 139 -8.99 -4.61 -16.01
N ALA B 140 -8.20 -5.52 -16.54
CA ALA B 140 -6.94 -5.14 -17.17
C ALA B 140 -7.24 -4.40 -18.45
N THR B 141 -8.25 -4.82 -19.23
CA THR B 141 -8.67 -4.13 -20.46
C THR B 141 -9.12 -2.72 -20.14
N GLU B 142 -9.97 -2.56 -19.10
CA GLU B 142 -10.44 -1.25 -18.63
C GLU B 142 -9.27 -0.32 -18.23
N GLU B 143 -8.25 -0.83 -17.50
CA GLU B 143 -7.11 -0.04 -17.05
C GLU B 143 -6.25 0.42 -18.22
N THR B 144 -6.02 -0.47 -19.20
CA THR B 144 -5.24 -0.19 -20.42
C THR B 144 -5.97 0.86 -21.25
N PHE B 145 -7.30 0.77 -21.33
CA PHE B 145 -8.10 1.72 -22.07
C PHE B 145 -7.95 3.15 -21.47
N LYS B 146 -7.71 3.27 -20.16
CA LYS B 146 -7.50 4.58 -19.54
C LYS B 146 -6.25 5.29 -20.08
N LEU B 147 -5.23 4.52 -20.51
CA LEU B 147 -4.00 5.04 -21.09
C LEU B 147 -4.23 5.55 -22.49
N SER B 148 -5.25 5.03 -23.22
CA SER B 148 -5.61 5.43 -24.58
C SER B 148 -5.92 6.92 -24.67
N TYR B 149 -6.44 7.51 -23.60
CA TYR B 149 -6.75 8.93 -23.58
C TYR B 149 -5.46 9.77 -23.54
N GLY B 150 -5.57 10.99 -24.05
CA GLY B 150 -4.44 11.91 -24.09
C GLY B 150 -4.27 12.77 -22.84
N ILE B 151 -3.04 13.24 -22.61
CA ILE B 151 -2.65 14.11 -21.51
C ILE B 151 -3.28 15.50 -21.68
N ALA B 152 -3.91 16.02 -20.63
CA ALA B 152 -4.46 17.37 -20.65
C ALA B 152 -3.42 18.30 -19.98
N THR B 153 -3.07 19.44 -20.60
CA THR B 153 -2.06 20.33 -20.02
C THR B 153 -2.64 21.75 -19.91
N VAL B 154 -2.34 22.46 -18.82
CA VAL B 154 -2.79 23.85 -18.65
C VAL B 154 -2.09 24.76 -19.68
N ARG B 155 -2.87 25.33 -20.58
CA ARG B 155 -2.40 26.26 -21.60
C ARG B 155 -2.43 27.71 -21.03
N GLU B 156 -3.42 27.99 -20.16
CA GLU B 156 -3.60 29.29 -19.53
C GLU B 156 -4.46 29.15 -18.29
N VAL B 157 -4.03 29.75 -17.18
CA VAL B 157 -4.81 29.71 -15.94
C VAL B 157 -5.72 30.91 -16.00
N LEU B 158 -6.97 30.72 -16.48
CA LEU B 158 -7.99 31.77 -16.69
C LEU B 158 -8.39 32.55 -15.40
N SER B 159 -8.60 31.79 -14.31
CA SER B 159 -8.97 32.24 -12.97
C SER B 159 -8.99 31.00 -12.05
N ASP B 160 -9.54 31.14 -10.84
CA ASP B 160 -9.78 29.99 -9.98
C ASP B 160 -11.02 29.31 -10.55
N ARG B 161 -11.03 27.97 -10.54
CA ARG B 161 -12.14 27.20 -11.11
C ARG B 161 -12.29 27.38 -12.64
N GLU B 162 -11.29 27.94 -13.34
CA GLU B 162 -11.35 28.09 -14.79
C GLU B 162 -9.99 27.92 -15.46
N LEU B 163 -9.94 27.10 -16.50
CA LEU B 163 -8.71 26.79 -17.21
C LEU B 163 -8.87 26.74 -18.74
N HIS B 164 -7.73 26.83 -19.46
CA HIS B 164 -7.61 26.67 -20.91
C HIS B 164 -6.72 25.41 -21.02
N LEU B 165 -7.25 24.29 -21.55
CA LEU B 165 -6.42 23.07 -21.65
C LEU B 165 -5.96 22.75 -23.09
N SER B 166 -4.75 22.25 -23.17
CA SER B 166 -4.09 21.81 -24.38
C SER B 166 -4.13 20.26 -24.36
N TRP B 167 -4.50 19.63 -25.47
CA TRP B 167 -4.64 18.17 -25.53
C TRP B 167 -3.62 17.49 -26.39
N GLU B 168 -3.20 16.30 -25.96
CA GLU B 168 -2.23 15.50 -26.67
C GLU B 168 -2.77 15.09 -28.05
N VAL B 169 -2.03 15.38 -29.12
CA VAL B 169 -2.49 14.99 -30.48
C VAL B 169 -2.38 13.47 -30.71
N GLY B 170 -3.32 12.94 -31.50
CA GLY B 170 -3.36 11.53 -31.84
C GLY B 170 -4.15 10.66 -30.87
N LYS B 171 -4.33 11.12 -29.62
CA LYS B 171 -5.06 10.37 -28.58
C LYS B 171 -6.39 11.04 -28.26
N PRO B 172 -7.45 10.23 -28.08
CA PRO B 172 -8.78 10.79 -27.80
C PRO B 172 -8.86 11.57 -26.50
N ARG B 173 -9.85 12.45 -26.42
CA ARG B 173 -10.09 13.20 -25.21
C ARG B 173 -11.17 12.46 -24.39
N PRO B 174 -10.97 12.33 -23.07
CA PRO B 174 -11.96 11.63 -22.24
C PRO B 174 -13.18 12.48 -21.89
N PRO B 175 -14.28 11.85 -21.41
CA PRO B 175 -15.45 12.64 -21.01
C PRO B 175 -15.12 13.53 -19.82
N LEU B 176 -15.45 14.81 -19.94
CA LEU B 176 -15.14 15.76 -18.88
C LEU B 176 -16.29 15.91 -17.89
N ASN B 177 -16.50 14.90 -17.03
CA ASN B 177 -17.54 14.98 -15.99
C ASN B 177 -16.96 14.67 -14.58
N ARG B 178 -17.84 14.42 -13.58
CA ARG B 178 -17.42 14.04 -12.23
C ARG B 178 -17.01 12.53 -12.19
N ASN B 179 -17.53 11.71 -13.15
CA ASN B 179 -17.23 10.28 -13.33
C ASN B 179 -15.75 10.04 -13.75
N TYR B 180 -14.96 11.11 -13.96
CA TYR B 180 -13.56 11.03 -14.38
C TYR B 180 -12.67 11.90 -13.48
N VAL B 181 -11.82 11.26 -12.68
CA VAL B 181 -10.95 11.97 -11.75
C VAL B 181 -9.49 11.99 -12.19
N PHE B 182 -9.00 13.18 -12.45
CA PHE B 182 -7.66 13.46 -12.95
C PHE B 182 -6.68 13.77 -11.86
N THR B 183 -5.44 13.42 -12.08
CA THR B 183 -4.38 13.69 -11.14
C THR B 183 -3.45 14.72 -11.75
N GLY B 184 -3.22 15.79 -11.02
CA GLY B 184 -2.38 16.89 -11.47
C GLY B 184 -0.91 16.68 -11.23
N TYR B 185 -0.07 17.17 -12.13
CA TYR B 185 1.37 17.00 -12.01
C TYR B 185 2.10 18.25 -12.46
N ARG B 186 3.28 18.56 -11.83
CA ARG B 186 4.18 19.67 -12.20
C ARG B 186 5.57 19.07 -12.54
N VAL B 187 6.07 19.41 -13.73
CA VAL B 187 7.34 18.92 -14.25
C VAL B 187 8.54 19.40 -13.41
N THR B 188 9.18 18.49 -12.65
CA THR B 188 10.36 18.75 -11.79
C THR B 188 11.69 18.67 -12.62
N LYS B 189 12.90 18.80 -11.99
CA LYS B 189 14.22 18.71 -12.64
C LYS B 189 14.26 17.66 -13.76
N ASN B 190 13.79 16.44 -13.45
CA ASN B 190 13.62 15.35 -14.41
C ASN B 190 12.72 14.25 -13.84
N SER B 191 11.50 14.63 -13.45
CA SER B 191 10.43 13.78 -12.95
C SER B 191 9.11 14.59 -12.84
N LYS B 192 8.05 13.97 -12.32
CA LYS B 192 6.75 14.62 -12.16
C LYS B 192 6.35 14.63 -10.69
N VAL B 193 5.94 15.80 -10.14
CA VAL B 193 5.52 15.86 -8.73
C VAL B 193 3.99 16.02 -8.63
N GLN B 194 3.35 15.24 -7.72
CA GLN B 194 1.90 15.25 -7.55
C GLN B 194 1.31 16.55 -7.01
N ILE B 195 0.19 16.95 -7.60
CA ILE B 195 -0.56 18.12 -7.20
C ILE B 195 -2.04 17.73 -6.82
N GLY B 196 -2.26 16.47 -6.43
CA GLY B 196 -3.57 16.00 -6.00
C GLY B 196 -4.59 15.88 -7.10
N GLU B 197 -5.78 15.37 -6.76
CA GLU B 197 -6.81 15.14 -7.75
C GLU B 197 -7.66 16.37 -8.08
N TYR B 198 -8.19 16.37 -9.32
CA TYR B 198 -9.00 17.40 -9.96
C TYR B 198 -10.02 16.73 -10.86
N THR B 199 -11.20 17.34 -10.97
CA THR B 199 -12.23 16.89 -11.90
C THR B 199 -12.61 18.10 -12.78
N PHE B 200 -13.15 17.87 -13.98
CA PHE B 200 -13.44 18.97 -14.88
C PHE B 200 -14.84 18.93 -15.48
N GLU B 201 -15.27 20.09 -16.01
CA GLU B 201 -16.56 20.27 -16.69
C GLU B 201 -16.42 21.42 -17.71
N LYS B 202 -17.10 21.34 -18.89
CA LYS B 202 -17.07 22.37 -19.93
C LYS B 202 -17.57 23.72 -19.32
N GLY B 203 -16.92 24.84 -19.65
CA GLY B 203 -17.29 26.16 -19.08
C GLY B 203 -17.75 27.23 -20.05
N ALA B 208 -11.59 25.59 -22.90
CA ALA B 208 -12.34 26.42 -21.96
C ALA B 208 -13.05 25.55 -20.90
N VAL B 209 -12.35 25.14 -19.84
CA VAL B 209 -12.91 24.24 -18.83
C VAL B 209 -12.98 24.83 -17.41
N VAL B 210 -13.76 24.20 -16.53
CA VAL B 210 -13.94 24.58 -15.14
C VAL B 210 -13.42 23.43 -14.25
N TYR B 211 -12.50 23.71 -13.31
CA TYR B 211 -11.94 22.65 -12.46
C TYR B 211 -12.49 22.60 -11.04
N ARG B 212 -12.97 21.42 -10.63
CA ARG B 212 -13.47 21.14 -9.30
C ARG B 212 -12.36 20.35 -8.60
N GLY B 213 -11.29 21.05 -8.28
CA GLY B 213 -10.14 20.43 -7.64
C GLY B 213 -10.39 19.88 -6.26
N THR B 214 -9.97 18.62 -6.02
CA THR B 214 -10.08 18.00 -4.71
C THR B 214 -9.22 18.78 -3.70
N THR B 215 -8.03 19.21 -4.12
CA THR B 215 -7.13 20.01 -3.30
C THR B 215 -6.94 21.41 -3.91
N THR B 216 -6.44 22.36 -3.11
CA THR B 216 -6.20 23.73 -3.59
C THR B 216 -4.70 24.02 -3.81
N TYR B 217 -4.35 24.27 -5.07
CA TYR B 217 -2.99 24.58 -5.52
C TYR B 217 -3.07 25.76 -6.49
N LYS B 218 -2.04 26.63 -6.49
CA LYS B 218 -1.98 27.74 -7.45
C LYS B 218 -1.40 27.13 -8.72
N LEU B 219 -2.24 26.39 -9.48
CA LEU B 219 -1.79 25.70 -10.69
C LEU B 219 -1.33 26.66 -11.74
N ASN B 220 -0.28 26.26 -12.42
CA ASN B 220 0.35 27.05 -13.43
C ASN B 220 0.33 26.40 -14.80
N VAL B 221 0.53 27.19 -15.86
CA VAL B 221 0.61 26.76 -17.24
C VAL B 221 1.71 25.69 -17.36
N GLY B 222 1.39 24.53 -17.92
CA GLY B 222 2.35 23.44 -18.03
C GLY B 222 1.99 22.24 -17.17
N ASP B 223 1.18 22.47 -16.13
CA ASP B 223 0.71 21.39 -15.27
C ASP B 223 -0.20 20.47 -16.08
N TYR B 224 -0.04 19.16 -15.88
CA TYR B 224 -0.80 18.20 -16.65
C TYR B 224 -1.68 17.28 -15.79
N PHE B 225 -2.71 16.70 -16.41
CA PHE B 225 -3.71 15.88 -15.75
C PHE B 225 -3.95 14.58 -16.51
N VAL B 226 -3.90 13.47 -15.80
CA VAL B 226 -4.18 12.15 -16.37
C VAL B 226 -5.06 11.36 -15.37
N LEU B 227 -5.81 10.39 -15.88
CA LEU B 227 -6.61 9.49 -15.04
C LEU B 227 -5.69 8.55 -14.27
N THR B 228 -6.07 8.16 -13.05
CA THR B 228 -5.21 7.25 -12.29
C THR B 228 -5.46 5.83 -12.80
N SER B 229 -4.36 5.12 -13.03
CA SER B 229 -4.37 3.77 -13.56
C SER B 229 -3.73 2.81 -12.55
N HIS B 230 -4.24 1.58 -12.46
CA HIS B 230 -3.73 0.63 -11.48
C HIS B 230 -3.38 -0.69 -12.11
N THR B 231 -2.33 -1.34 -11.58
CA THR B 231 -1.95 -2.68 -12.02
C THR B 231 -3.00 -3.66 -11.45
N VAL B 232 -3.57 -4.52 -12.31
CA VAL B 232 -4.59 -5.51 -11.95
C VAL B 232 -3.91 -6.80 -11.51
N MET B 233 -4.17 -7.23 -10.28
CA MET B 233 -3.60 -8.46 -9.75
C MET B 233 -4.46 -9.67 -10.14
N PRO B 234 -3.87 -10.88 -10.20
CA PRO B 234 -4.67 -12.07 -10.46
C PRO B 234 -5.61 -12.43 -9.29
N LEU B 235 -6.72 -13.06 -9.63
CA LEU B 235 -7.74 -13.50 -8.71
C LEU B 235 -7.48 -14.96 -8.43
N SER B 236 -7.78 -15.41 -7.21
CA SER B 236 -7.63 -16.81 -6.84
C SER B 236 -8.93 -17.35 -6.24
N ALA B 237 -9.57 -16.56 -5.35
CA ALA B 237 -10.80 -16.98 -4.67
C ALA B 237 -12.04 -16.88 -5.55
N PRO B 238 -13.09 -17.73 -5.32
CA PRO B 238 -14.32 -17.59 -6.13
C PRO B 238 -15.11 -16.30 -5.81
N THR B 239 -16.05 -15.91 -6.68
CA THR B 239 -16.88 -14.71 -6.48
C THR B 239 -17.82 -14.95 -5.28
N LEU B 240 -18.32 -16.21 -5.17
CA LEU B 240 -19.14 -16.68 -4.05
C LEU B 240 -18.56 -17.98 -3.51
N VAL B 241 -18.44 -18.08 -2.18
CA VAL B 241 -17.99 -19.34 -1.56
C VAL B 241 -19.13 -20.39 -1.71
N PRO B 242 -18.88 -21.71 -1.54
CA PRO B 242 -20.00 -22.68 -1.62
C PRO B 242 -21.04 -22.43 -0.51
N GLN B 243 -22.32 -22.45 -0.87
CA GLN B 243 -23.37 -22.22 0.10
C GLN B 243 -23.50 -23.39 1.09
N GLU B 244 -23.76 -23.07 2.36
CA GLU B 244 -23.99 -24.02 3.41
C GLU B 244 -25.20 -23.57 4.19
N HIS B 245 -26.17 -24.45 4.39
CA HIS B 245 -27.35 -24.13 5.20
C HIS B 245 -27.25 -24.88 6.50
N TYR B 246 -27.54 -24.22 7.60
CA TYR B 246 -27.44 -24.81 8.92
C TYR B 246 -28.81 -24.97 9.60
N VAL B 247 -28.89 -25.92 10.55
CA VAL B 247 -30.11 -26.19 11.32
C VAL B 247 -30.15 -25.31 12.62
N ARG B 248 -29.00 -24.75 13.03
CA ARG B 248 -28.84 -23.87 14.19
C ARG B 248 -28.01 -22.65 13.80
N ILE B 249 -28.09 -21.55 14.61
CA ILE B 249 -27.23 -20.37 14.40
C ILE B 249 -25.82 -20.85 14.75
N THR B 250 -24.93 -20.72 13.78
CA THR B 250 -23.59 -21.26 13.86
C THR B 250 -22.52 -20.22 14.17
N GLY B 251 -21.74 -20.47 15.21
CA GLY B 251 -20.62 -19.60 15.58
C GLY B 251 -20.94 -18.17 15.98
N LEU B 252 -22.23 -17.88 16.16
CA LEU B 252 -22.72 -16.57 16.58
C LEU B 252 -23.60 -16.71 17.83
N TYR B 253 -23.58 -15.69 18.72
CA TYR B 253 -24.32 -15.78 19.97
C TYR B 253 -25.32 -14.63 20.13
N PRO B 254 -26.61 -14.92 19.91
CA PRO B 254 -27.62 -13.87 19.96
C PRO B 254 -27.80 -13.20 21.33
N THR B 255 -28.16 -11.92 21.27
CA THR B 255 -28.33 -11.11 22.45
C THR B 255 -29.59 -11.51 23.20
N LEU B 256 -29.62 -11.20 24.50
CA LEU B 256 -30.82 -11.45 25.29
C LEU B 256 -31.76 -10.23 25.25
N ASN B 257 -31.19 -9.01 25.22
CA ASN B 257 -31.93 -7.76 25.13
C ASN B 257 -31.52 -6.98 23.87
N ILE B 258 -32.48 -6.70 23.01
CA ILE B 258 -32.29 -5.89 21.81
C ILE B 258 -33.22 -4.68 21.92
N SER B 259 -32.79 -3.59 21.34
CA SER B 259 -33.59 -2.39 21.28
C SER B 259 -34.74 -2.59 20.27
N ASP B 260 -35.93 -2.01 20.55
CA ASP B 260 -37.09 -2.04 19.65
C ASP B 260 -36.81 -1.35 18.30
N GLU B 261 -35.67 -0.63 18.18
CA GLU B 261 -35.16 -0.04 16.96
C GLU B 261 -34.69 -1.12 15.99
N PHE B 262 -34.27 -2.29 16.48
CA PHE B 262 -33.77 -3.37 15.64
C PHE B 262 -34.60 -4.63 15.67
N SER B 263 -35.72 -4.65 16.43
CA SER B 263 -36.59 -5.81 16.52
C SER B 263 -37.19 -6.26 15.19
N SER B 264 -37.43 -5.34 14.24
CA SER B 264 -37.96 -5.72 12.92
C SER B 264 -36.99 -6.61 12.12
N ASN B 265 -35.70 -6.58 12.46
CA ASN B 265 -34.72 -7.39 11.75
C ASN B 265 -34.32 -8.68 12.50
N VAL B 266 -34.89 -8.97 13.69
CA VAL B 266 -34.49 -10.15 14.45
C VAL B 266 -34.57 -11.47 13.64
N ALA B 267 -35.68 -11.74 12.95
CA ALA B 267 -35.80 -12.95 12.15
C ALA B 267 -34.74 -13.01 11.03
N ASN B 268 -34.46 -11.87 10.41
CA ASN B 268 -33.43 -11.77 9.35
C ASN B 268 -31.99 -11.99 9.91
N TYR B 269 -31.70 -11.47 11.12
CA TYR B 269 -30.40 -11.65 11.78
C TYR B 269 -30.20 -13.14 12.11
N GLN B 270 -31.28 -13.84 12.52
CA GLN B 270 -31.23 -15.30 12.80
C GLN B 270 -30.97 -16.04 11.49
N LYS B 271 -31.66 -15.65 10.41
CA LYS B 271 -31.43 -16.20 9.07
C LYS B 271 -29.94 -16.06 8.63
N VAL B 272 -29.31 -14.91 8.94
CA VAL B 272 -27.89 -14.65 8.67
C VAL B 272 -27.00 -15.74 9.35
N GLY B 273 -27.28 -16.04 10.61
CA GLY B 273 -26.50 -17.02 11.37
C GLY B 273 -26.77 -18.47 11.00
N MET B 274 -27.77 -18.73 10.17
CA MET B 274 -28.15 -20.07 9.76
C MET B 274 -27.82 -20.47 8.32
N GLN B 275 -27.00 -19.65 7.64
CA GLN B 275 -26.45 -20.01 6.34
C GLN B 275 -25.05 -19.37 6.17
N LYS B 276 -24.23 -19.89 5.24
CA LYS B 276 -22.87 -19.42 5.03
C LYS B 276 -22.94 -17.97 4.50
N TYR B 277 -23.69 -17.76 3.42
CA TYR B 277 -23.86 -16.42 2.88
C TYR B 277 -25.36 -16.14 2.70
N SER B 278 -25.75 -14.88 2.87
CA SER B 278 -27.13 -14.46 2.72
C SER B 278 -27.22 -13.14 1.94
N THR B 279 -28.28 -12.95 1.16
CA THR B 279 -28.46 -11.76 0.36
C THR B 279 -29.63 -10.94 0.89
N LEU B 280 -29.42 -9.61 1.02
CA LEU B 280 -30.46 -8.73 1.49
C LEU B 280 -30.76 -7.67 0.42
N GLN B 281 -31.96 -7.71 -0.17
CA GLN B 281 -32.36 -6.67 -1.07
C GLN B 281 -33.04 -5.56 -0.23
N GLY B 282 -32.46 -4.38 -0.28
CA GLY B 282 -32.99 -3.21 0.40
C GLY B 282 -33.29 -2.06 -0.56
N PRO B 283 -34.56 -1.93 -0.97
CA PRO B 283 -34.94 -0.80 -1.84
C PRO B 283 -34.58 0.56 -1.21
N PRO B 284 -34.71 1.68 -1.95
CA PRO B 284 -34.38 2.99 -1.35
C PRO B 284 -35.10 3.27 -0.03
N GLY B 285 -34.34 3.78 0.95
CA GLY B 285 -34.87 4.21 2.25
C GLY B 285 -35.57 3.15 3.10
N THR B 286 -35.25 1.86 2.89
CA THR B 286 -35.83 0.74 3.66
C THR B 286 -35.00 0.34 4.91
N GLY B 287 -33.76 0.87 5.06
CA GLY B 287 -32.96 0.59 6.25
C GLY B 287 -31.79 -0.39 6.13
N LYS B 288 -31.08 -0.34 5.01
CA LYS B 288 -29.93 -1.21 4.77
C LYS B 288 -28.81 -0.98 5.82
N SER B 289 -28.40 0.29 6.08
CA SER B 289 -27.32 0.55 7.06
C SER B 289 -27.76 0.26 8.49
N HIS B 290 -29.05 0.50 8.77
CA HIS B 290 -29.65 0.20 10.08
C HIS B 290 -29.57 -1.33 10.31
N PHE B 291 -29.90 -2.10 9.27
CA PHE B 291 -29.82 -3.56 9.33
C PHE B 291 -28.38 -4.00 9.61
N ALA B 292 -27.44 -3.47 8.81
CA ALA B 292 -26.04 -3.81 8.92
C ALA B 292 -25.45 -3.53 10.27
N ILE B 293 -25.74 -2.36 10.92
CA ILE B 293 -25.24 -2.04 12.28
C ILE B 293 -25.98 -2.82 13.39
N GLY B 294 -27.29 -3.03 13.22
CA GLY B 294 -28.10 -3.79 14.17
C GLY B 294 -27.68 -5.24 14.28
N LEU B 295 -27.06 -5.79 13.20
CA LEU B 295 -26.55 -7.14 13.18
C LEU B 295 -25.46 -7.30 14.27
N ALA B 296 -24.67 -6.23 14.50
CA ALA B 296 -23.63 -6.15 15.53
C ALA B 296 -24.22 -6.10 16.93
N LEU B 297 -25.37 -5.43 17.09
CA LEU B 297 -26.03 -5.39 18.38
C LEU B 297 -26.74 -6.74 18.69
N TYR B 298 -27.19 -7.45 17.63
CA TYR B 298 -27.85 -8.73 17.80
C TYR B 298 -26.87 -9.81 18.15
N TYR B 299 -25.65 -9.78 17.57
CA TYR B 299 -24.57 -10.74 17.89
C TYR B 299 -23.46 -9.89 18.51
N PRO B 300 -23.65 -9.48 19.79
CA PRO B 300 -22.74 -8.50 20.39
C PRO B 300 -21.28 -8.91 20.57
N SER B 301 -20.95 -10.21 20.52
CA SER B 301 -19.56 -10.67 20.66
C SER B 301 -18.86 -10.93 19.31
N ALA B 302 -19.63 -10.93 18.20
CA ALA B 302 -19.13 -11.16 16.86
C ALA B 302 -18.18 -10.08 16.36
N ARG B 303 -17.13 -10.51 15.68
CA ARG B 303 -16.17 -9.63 15.04
C ARG B 303 -16.73 -9.42 13.63
N ILE B 304 -17.06 -8.16 13.29
CA ILE B 304 -17.66 -7.87 11.99
C ILE B 304 -16.81 -6.97 11.13
N VAL B 305 -16.55 -7.39 9.89
CA VAL B 305 -15.85 -6.56 8.94
C VAL B 305 -16.90 -6.01 8.00
N TYR B 306 -17.00 -4.70 7.95
CA TYR B 306 -17.92 -3.96 7.11
C TYR B 306 -17.16 -3.48 5.90
N THR B 307 -17.56 -3.93 4.71
CA THR B 307 -16.89 -3.57 3.47
C THR B 307 -17.90 -3.11 2.41
N ALA B 308 -17.41 -2.31 1.47
CA ALA B 308 -18.10 -1.77 0.28
C ALA B 308 -17.01 -1.34 -0.73
N CYS B 309 -17.36 -1.15 -2.00
CA CYS B 309 -16.37 -0.74 -3.00
C CYS B 309 -15.83 0.70 -2.78
N SER B 310 -16.74 1.64 -2.50
CA SER B 310 -16.41 3.05 -2.32
C SER B 310 -16.17 3.51 -0.86
N HIS B 311 -15.35 4.56 -0.69
CA HIS B 311 -15.14 5.16 0.62
C HIS B 311 -16.42 5.79 1.12
N ALA B 312 -17.27 6.35 0.22
CA ALA B 312 -18.56 6.93 0.60
C ALA B 312 -19.46 5.86 1.25
N ALA B 313 -19.64 4.66 0.60
CA ALA B 313 -20.45 3.59 1.19
C ALA B 313 -19.89 3.12 2.54
N VAL B 314 -18.55 2.99 2.64
CA VAL B 314 -17.88 2.58 3.89
C VAL B 314 -18.11 3.63 5.03
N ASP B 315 -17.95 4.93 4.71
CA ASP B 315 -18.15 6.06 5.65
C ASP B 315 -19.61 6.15 6.11
N ALA B 316 -20.58 5.83 5.23
CA ALA B 316 -21.99 5.84 5.61
C ALA B 316 -22.27 4.71 6.63
N LEU B 317 -21.52 3.57 6.57
CA LEU B 317 -21.61 2.50 7.58
C LEU B 317 -20.92 2.97 8.89
N CYS B 318 -19.83 3.70 8.78
CA CYS B 318 -19.14 4.29 9.90
C CYS B 318 -20.04 5.27 10.65
N GLU B 319 -20.78 6.17 9.94
CA GLU B 319 -21.68 7.13 10.57
C GLU B 319 -22.78 6.47 11.37
N LYS B 320 -23.38 5.38 10.82
CA LYS B 320 -24.42 4.61 11.49
C LYS B 320 -23.84 3.90 12.71
N ALA B 321 -22.63 3.31 12.60
CA ALA B 321 -21.93 2.63 13.71
C ALA B 321 -21.61 3.62 14.84
N LEU B 322 -21.21 4.84 14.49
CA LEU B 322 -20.91 5.89 15.46
C LEU B 322 -22.12 6.16 16.38
N LYS B 323 -23.35 5.97 15.88
CA LYS B 323 -24.57 6.16 16.65
C LYS B 323 -24.97 4.96 17.56
N TYR B 324 -24.58 3.72 17.21
CA TYR B 324 -25.04 2.55 17.97
C TYR B 324 -23.95 1.68 18.62
N LEU B 325 -22.76 1.66 18.02
CA LEU B 325 -21.67 0.82 18.46
C LEU B 325 -20.62 1.59 19.28
N PRO B 326 -19.89 0.90 20.18
CA PRO B 326 -18.85 1.62 20.96
C PRO B 326 -17.68 2.01 20.06
N ILE B 327 -17.34 3.31 20.04
CA ILE B 327 -16.29 3.89 19.20
C ILE B 327 -14.90 3.26 19.42
N ASP B 328 -14.60 2.83 20.64
CA ASP B 328 -13.33 2.18 20.95
C ASP B 328 -13.22 0.77 20.32
N LYS B 329 -14.38 0.15 19.94
CA LYS B 329 -14.43 -1.18 19.29
C LYS B 329 -14.41 -1.08 17.73
N CYS B 330 -14.31 0.15 17.17
CA CYS B 330 -14.30 0.42 15.73
C CYS B 330 -12.97 0.92 15.20
N SER B 331 -12.66 0.46 14.00
CA SER B 331 -11.49 0.91 13.30
C SER B 331 -11.77 1.11 11.80
N ARG B 332 -11.42 2.29 11.27
CA ARG B 332 -11.56 2.63 9.85
C ARG B 332 -10.20 2.38 9.19
N ILE B 333 -10.12 1.39 8.26
CA ILE B 333 -8.90 1.03 7.55
C ILE B 333 -8.74 1.96 6.35
N ILE B 334 -7.65 2.70 6.32
CA ILE B 334 -7.35 3.68 5.28
C ILE B 334 -6.01 3.35 4.65
N PRO B 335 -5.99 3.16 3.32
CA PRO B 335 -4.70 2.90 2.63
C PRO B 335 -3.82 4.17 2.42
N ALA B 336 -2.72 4.06 1.64
CA ALA B 336 -1.87 5.21 1.31
C ALA B 336 -1.79 5.41 -0.22
N VAL B 340 -7.47 11.29 -0.67
CA VAL B 340 -8.88 10.91 -0.43
C VAL B 340 -9.31 11.07 1.06
N GLU B 341 -10.28 11.97 1.32
CA GLU B 341 -10.69 12.24 2.70
C GLU B 341 -11.88 11.38 3.10
N CYS B 342 -11.68 10.53 4.11
CA CYS B 342 -12.75 9.67 4.59
C CYS B 342 -12.98 9.80 6.12
N PHE B 343 -13.89 8.98 6.70
CA PHE B 343 -14.28 8.97 8.12
C PHE B 343 -13.10 9.04 9.08
N ASP B 344 -13.04 10.08 9.97
CA ASP B 344 -11.89 10.22 10.88
C ASP B 344 -12.22 10.10 12.38
N LYS B 345 -13.36 9.47 12.73
CA LYS B 345 -13.71 9.33 14.13
C LYS B 345 -13.35 7.98 14.77
N PHE B 346 -12.85 7.01 14.00
CA PHE B 346 -12.43 5.71 14.55
C PHE B 346 -10.90 5.62 14.55
N LYS B 347 -10.31 4.74 15.39
CA LYS B 347 -8.85 4.53 15.36
C LYS B 347 -8.45 3.93 14.01
N VAL B 348 -7.54 4.62 13.30
CA VAL B 348 -7.12 4.22 11.96
C VAL B 348 -6.22 2.99 11.94
N ASN B 349 -6.52 2.03 11.01
CA ASN B 349 -5.77 0.81 10.68
C ASN B 349 -5.44 -0.15 11.84
N SER B 350 -6.43 -0.50 12.63
CA SER B 350 -6.26 -1.46 13.71
C SER B 350 -7.10 -2.64 13.27
N THR B 351 -6.45 -3.55 12.52
CA THR B 351 -7.07 -4.73 11.95
C THR B 351 -7.74 -5.64 13.02
N LEU B 352 -7.25 -5.63 14.27
CA LEU B 352 -7.79 -6.50 15.31
C LEU B 352 -9.01 -5.99 16.08
N GLU B 353 -9.49 -4.78 15.74
CA GLU B 353 -10.70 -4.25 16.39
C GLU B 353 -11.90 -5.14 16.06
N GLN B 354 -12.88 -5.20 16.98
CA GLN B 354 -14.07 -6.00 16.77
C GLN B 354 -14.83 -5.56 15.51
N TYR B 355 -14.91 -4.23 15.25
CA TYR B 355 -15.59 -3.69 14.08
C TYR B 355 -14.59 -3.03 13.18
N VAL B 356 -14.44 -3.53 11.98
CA VAL B 356 -13.48 -3.04 11.03
C VAL B 356 -14.23 -2.52 9.82
N PHE B 357 -13.98 -1.30 9.41
CA PHE B 357 -14.67 -0.68 8.27
C PHE B 357 -13.58 -0.40 7.26
N CYS B 358 -13.74 -0.91 6.06
CA CYS B 358 -12.70 -0.82 5.06
C CYS B 358 -13.24 -1.04 3.66
N THR B 359 -12.73 -0.28 2.66
CA THR B 359 -13.13 -0.48 1.27
C THR B 359 -12.55 -1.84 0.76
N VAL B 360 -13.19 -2.48 -0.23
CA VAL B 360 -12.73 -3.77 -0.76
C VAL B 360 -11.23 -3.76 -1.15
N ASN B 361 -10.79 -2.79 -1.97
CA ASN B 361 -9.41 -2.71 -2.48
C ASN B 361 -8.34 -2.58 -1.34
N ALA B 362 -8.76 -2.12 -0.16
CA ALA B 362 -7.84 -1.97 0.99
C ALA B 362 -7.93 -3.07 2.08
N LEU B 363 -8.71 -4.14 1.86
CA LEU B 363 -8.88 -5.17 2.89
C LEU B 363 -7.60 -5.88 3.31
N PRO B 364 -7.35 -5.98 4.61
CA PRO B 364 -6.24 -6.83 5.06
C PRO B 364 -6.65 -8.31 4.98
N GLU B 365 -5.67 -9.20 5.09
CA GLU B 365 -5.94 -10.64 5.10
C GLU B 365 -6.28 -10.96 6.53
N THR B 366 -7.55 -11.18 6.82
CA THR B 366 -8.02 -11.45 8.18
C THR B 366 -9.26 -12.38 8.18
N THR B 367 -9.73 -12.77 9.36
CA THR B 367 -10.92 -13.57 9.51
C THR B 367 -11.98 -12.77 10.26
N ALA B 368 -13.23 -13.17 10.15
CA ALA B 368 -14.33 -12.49 10.85
C ALA B 368 -15.46 -13.47 11.17
N ASP B 369 -16.30 -13.15 12.15
CA ASP B 369 -17.47 -13.97 12.42
C ASP B 369 -18.52 -13.64 11.32
N ILE B 370 -18.65 -12.34 10.98
CA ILE B 370 -19.51 -11.85 9.90
C ILE B 370 -18.78 -10.82 9.03
N VAL B 371 -18.93 -10.95 7.73
CA VAL B 371 -18.48 -9.99 6.79
C VAL B 371 -19.76 -9.37 6.20
N VAL B 372 -19.91 -8.04 6.28
CA VAL B 372 -21.05 -7.36 5.68
C VAL B 372 -20.50 -6.62 4.41
N PHE B 373 -20.98 -6.97 3.24
CA PHE B 373 -20.56 -6.34 2.00
C PHE B 373 -21.77 -5.54 1.50
N ASP B 374 -21.69 -4.21 1.67
CA ASP B 374 -22.76 -3.28 1.30
C ASP B 374 -22.62 -2.71 -0.14
N GLU B 375 -23.72 -2.14 -0.65
CA GLU B 375 -23.91 -1.58 -1.98
C GLU B 375 -23.49 -2.60 -3.04
N ILE B 376 -24.04 -3.82 -2.92
CA ILE B 376 -23.68 -4.96 -3.78
C ILE B 376 -24.01 -4.73 -5.26
N SER B 377 -24.95 -3.83 -5.64
CA SER B 377 -25.18 -3.57 -7.07
C SER B 377 -23.92 -2.94 -7.73
N MET B 378 -23.13 -2.19 -6.94
CA MET B 378 -21.91 -1.52 -7.40
C MET B 378 -20.68 -2.41 -7.47
N ALA B 379 -20.76 -3.65 -6.93
CA ALA B 379 -19.64 -4.57 -6.98
C ALA B 379 -19.53 -5.20 -8.36
N THR B 380 -18.30 -5.57 -8.71
CA THR B 380 -17.98 -6.38 -9.87
C THR B 380 -17.57 -7.76 -9.33
N ASN B 381 -17.49 -8.75 -10.22
CA ASN B 381 -17.00 -10.07 -9.84
C ASN B 381 -15.57 -10.00 -9.36
N TYR B 382 -14.78 -9.00 -9.84
CA TYR B 382 -13.44 -8.76 -9.39
C TYR B 382 -13.45 -8.46 -7.88
N ASP B 383 -14.32 -7.54 -7.45
CA ASP B 383 -14.52 -7.16 -6.05
C ASP B 383 -14.97 -8.36 -5.19
N LEU B 384 -15.99 -9.11 -5.68
CA LEU B 384 -16.52 -10.30 -4.99
C LEU B 384 -15.41 -11.31 -4.64
N SER B 385 -14.48 -11.48 -5.60
CA SER B 385 -13.35 -12.40 -5.53
C SER B 385 -12.31 -11.91 -4.53
N VAL B 386 -11.98 -10.63 -4.56
CA VAL B 386 -11.02 -10.03 -3.64
C VAL B 386 -11.47 -10.20 -2.20
N VAL B 387 -12.77 -9.92 -1.90
CA VAL B 387 -13.31 -10.09 -0.54
C VAL B 387 -13.14 -11.56 -0.08
N ASN B 388 -13.45 -12.54 -0.95
CA ASN B 388 -13.31 -13.95 -0.59
C ASN B 388 -11.83 -14.33 -0.36
N ALA B 389 -10.89 -13.67 -1.07
CA ALA B 389 -9.45 -13.91 -0.91
C ALA B 389 -8.84 -13.24 0.29
N ARG B 390 -9.34 -12.07 0.74
CA ARG B 390 -8.78 -11.40 1.91
C ARG B 390 -9.48 -11.84 3.22
N LEU B 391 -10.79 -12.15 3.17
CA LEU B 391 -11.58 -12.42 4.39
C LEU B 391 -12.11 -13.86 4.49
N ARG B 392 -11.72 -14.57 5.57
CA ARG B 392 -12.24 -15.91 5.81
C ARG B 392 -13.27 -15.77 6.95
N ALA B 393 -14.56 -15.83 6.61
CA ALA B 393 -15.61 -15.60 7.61
C ALA B 393 -16.53 -16.77 7.85
N LYS B 394 -17.15 -16.82 9.06
CA LYS B 394 -18.16 -17.82 9.36
C LYS B 394 -19.42 -17.49 8.53
N HIS B 395 -19.75 -16.19 8.38
CA HIS B 395 -20.92 -15.72 7.64
C HIS B 395 -20.63 -14.50 6.78
N TYR B 396 -21.23 -14.46 5.60
CA TYR B 396 -21.07 -13.38 4.64
C TYR B 396 -22.48 -12.83 4.34
N VAL B 397 -22.69 -11.53 4.49
CA VAL B 397 -23.99 -10.90 4.22
C VAL B 397 -23.79 -9.84 3.12
N TYR B 398 -24.47 -10.00 1.98
CA TYR B 398 -24.41 -9.10 0.83
C TYR B 398 -25.64 -8.22 0.86
N ILE B 399 -25.45 -6.92 1.08
CA ILE B 399 -26.56 -5.96 1.13
C ILE B 399 -26.50 -4.99 -0.08
N GLY B 400 -27.62 -4.82 -0.72
CA GLY B 400 -27.72 -3.94 -1.85
C GLY B 400 -29.08 -4.03 -2.47
N ASP B 401 -29.16 -3.62 -3.71
CA ASP B 401 -30.41 -3.63 -4.44
C ASP B 401 -30.11 -3.78 -5.92
N PRO B 402 -30.42 -4.96 -6.53
CA PRO B 402 -30.19 -5.12 -7.97
C PRO B 402 -31.08 -4.23 -8.83
N ALA B 403 -32.07 -3.55 -8.24
CA ALA B 403 -32.93 -2.57 -8.95
C ALA B 403 -32.28 -1.15 -8.94
N GLN B 404 -31.09 -1.00 -8.33
CA GLN B 404 -30.35 0.26 -8.34
C GLN B 404 -29.19 0.17 -9.34
N LEU B 405 -28.33 1.18 -9.36
CA LEU B 405 -27.28 1.25 -10.35
C LEU B 405 -26.06 0.34 -10.10
N PRO B 406 -25.57 -0.25 -11.21
CA PRO B 406 -24.32 -1.01 -11.14
C PRO B 406 -23.08 -0.10 -11.31
N ALA B 407 -21.89 -0.70 -11.17
CA ALA B 407 -20.60 -0.05 -11.40
C ALA B 407 -20.55 0.33 -12.87
N PRO B 408 -20.07 1.54 -13.17
CA PRO B 408 -19.98 1.94 -14.58
C PRO B 408 -19.05 1.00 -15.34
N ARG B 409 -19.51 0.54 -16.52
CA ARG B 409 -18.71 -0.32 -17.37
C ARG B 409 -18.26 0.56 -18.48
N THR B 410 -17.11 1.23 -18.30
CA THR B 410 -16.56 2.20 -19.26
C THR B 410 -16.39 1.64 -20.68
N LEU B 411 -16.15 0.31 -20.86
CA LEU B 411 -15.97 -0.23 -22.22
C LEU B 411 -17.28 -0.56 -22.92
N LEU B 412 -18.33 -0.86 -22.16
CA LEU B 412 -19.63 -1.25 -22.68
C LEU B 412 -20.36 -0.13 -23.38
N THR B 413 -20.58 -0.29 -24.69
CA THR B 413 -21.23 0.76 -25.49
C THR B 413 -22.46 0.23 -26.26
N LYS B 414 -22.50 -1.07 -26.55
CA LYS B 414 -23.58 -1.67 -27.30
C LYS B 414 -24.32 -2.69 -26.43
N GLY B 415 -25.61 -2.46 -26.25
CA GLY B 415 -26.45 -3.33 -25.45
C GLY B 415 -26.62 -2.80 -24.05
N THR B 416 -27.58 -3.35 -23.33
CA THR B 416 -27.82 -2.95 -21.94
C THR B 416 -27.48 -4.13 -21.03
N LEU B 417 -26.82 -3.84 -19.92
CA LEU B 417 -26.46 -4.85 -18.94
C LEU B 417 -27.60 -5.03 -17.94
N GLU B 418 -28.32 -6.16 -17.98
CA GLU B 418 -29.43 -6.46 -17.08
C GLU B 418 -28.94 -6.75 -15.65
N PRO B 419 -29.76 -6.44 -14.62
CA PRO B 419 -29.31 -6.64 -13.22
C PRO B 419 -28.81 -8.03 -12.88
N GLU B 420 -29.38 -9.09 -13.52
CA GLU B 420 -28.92 -10.45 -13.30
C GLU B 420 -27.46 -10.68 -13.74
N TYR B 421 -26.86 -9.73 -14.45
CA TYR B 421 -25.50 -9.85 -14.93
C TYR B 421 -24.54 -8.84 -14.26
N PHE B 422 -24.98 -8.08 -13.22
CA PHE B 422 -24.11 -7.09 -12.58
C PHE B 422 -22.92 -7.80 -11.93
N ASN B 423 -23.20 -8.87 -11.23
CA ASN B 423 -22.23 -9.70 -10.54
C ASN B 423 -22.95 -10.98 -10.04
N SER B 424 -22.18 -11.92 -9.47
CA SER B 424 -22.72 -13.20 -9.01
C SER B 424 -23.79 -13.08 -7.93
N VAL B 425 -23.67 -12.10 -7.00
CA VAL B 425 -24.68 -11.87 -5.96
C VAL B 425 -25.97 -11.39 -6.60
N CYS B 426 -25.88 -10.42 -7.53
CA CYS B 426 -27.05 -9.89 -8.23
C CYS B 426 -27.69 -10.96 -9.06
N ARG B 427 -26.87 -11.80 -9.71
CA ARG B 427 -27.36 -12.94 -10.49
C ARG B 427 -28.26 -13.85 -9.62
N LEU B 428 -27.83 -14.16 -8.38
CA LEU B 428 -28.64 -14.95 -7.44
C LEU B 428 -29.94 -14.22 -7.08
N MET B 429 -29.85 -12.94 -6.66
CA MET B 429 -31.02 -12.14 -6.28
C MET B 429 -32.06 -12.09 -7.39
N LYS B 430 -31.63 -12.08 -8.64
CA LYS B 430 -32.55 -12.03 -9.75
C LYS B 430 -33.12 -13.41 -10.18
N THR B 431 -32.34 -14.47 -9.99
CA THR B 431 -32.74 -15.80 -10.45
C THR B 431 -33.48 -16.63 -9.36
N ILE B 432 -32.89 -16.76 -8.17
CA ILE B 432 -33.52 -17.48 -7.06
C ILE B 432 -34.15 -16.55 -5.99
N GLY B 433 -34.01 -15.22 -6.14
CA GLY B 433 -34.53 -14.26 -5.19
C GLY B 433 -33.57 -13.97 -4.05
N PRO B 434 -33.72 -12.80 -3.41
CA PRO B 434 -32.87 -12.51 -2.24
C PRO B 434 -33.38 -13.30 -1.01
N ASP B 435 -32.46 -13.56 -0.08
CA ASP B 435 -32.83 -14.28 1.13
C ASP B 435 -33.68 -13.40 2.04
N MET B 436 -33.37 -12.09 2.07
CA MET B 436 -34.03 -11.14 2.91
C MET B 436 -34.41 -9.91 2.12
N PHE B 437 -35.54 -9.29 2.48
CA PHE B 437 -36.04 -8.13 1.75
C PHE B 437 -36.57 -7.10 2.73
N LEU B 438 -36.11 -5.85 2.60
CA LEU B 438 -36.60 -4.75 3.45
C LEU B 438 -37.79 -4.15 2.74
N GLY B 439 -38.98 -4.57 3.15
CA GLY B 439 -40.20 -4.24 2.46
C GLY B 439 -40.84 -2.91 2.70
N THR B 440 -40.30 -2.06 3.62
CA THR B 440 -40.96 -0.78 3.86
C THR B 440 -40.07 0.44 3.63
N CYS B 441 -40.44 1.23 2.64
CA CYS B 441 -39.76 2.47 2.33
C CYS B 441 -40.15 3.56 3.33
N ARG B 442 -39.22 4.08 4.12
CA ARG B 442 -39.54 5.18 5.05
C ARG B 442 -39.27 6.59 4.48
N ARG B 443 -38.60 6.67 3.35
CA ARG B 443 -38.21 7.94 2.78
C ARG B 443 -39.28 8.66 1.96
N CYS B 444 -39.79 7.99 0.93
CA CYS B 444 -40.55 8.57 -0.15
C CYS B 444 -42.04 8.70 0.10
N PRO B 445 -42.66 9.78 -0.48
CA PRO B 445 -44.13 9.84 -0.49
C PRO B 445 -44.69 8.62 -1.24
N ALA B 446 -45.92 8.19 -0.88
CA ALA B 446 -46.54 6.99 -1.42
C ALA B 446 -46.65 6.95 -2.96
N GLU B 447 -46.80 8.10 -3.67
CA GLU B 447 -46.84 8.11 -5.16
C GLU B 447 -45.55 7.50 -5.77
N ILE B 448 -44.38 7.83 -5.17
CA ILE B 448 -43.09 7.33 -5.61
C ILE B 448 -42.95 5.87 -5.23
N VAL B 449 -43.27 5.53 -3.96
CA VAL B 449 -43.17 4.15 -3.50
C VAL B 449 -44.04 3.20 -4.35
N ASP B 450 -45.31 3.60 -4.63
CA ASP B 450 -46.21 2.81 -5.46
C ASP B 450 -45.69 2.64 -6.90
N THR B 451 -45.11 3.72 -7.48
CA THR B 451 -44.55 3.64 -8.82
C THR B 451 -43.38 2.65 -8.89
N VAL B 452 -42.37 2.78 -7.99
CA VAL B 452 -41.18 1.93 -8.06
C VAL B 452 -41.50 0.48 -7.61
N SER B 453 -42.44 0.33 -6.67
CA SER B 453 -42.89 -0.98 -6.24
C SER B 453 -43.39 -1.81 -7.43
N ALA B 454 -44.23 -1.23 -8.28
CA ALA B 454 -44.73 -1.88 -9.51
C ALA B 454 -43.66 -1.99 -10.62
N LEU B 455 -42.80 -0.96 -10.74
CA LEU B 455 -41.78 -0.91 -11.78
C LEU B 455 -40.69 -1.96 -11.64
N VAL B 456 -40.09 -2.11 -10.44
CA VAL B 456 -38.95 -3.01 -10.25
C VAL B 456 -39.03 -3.95 -9.02
N TYR B 457 -40.04 -3.82 -8.13
CA TYR B 457 -40.08 -4.64 -6.92
C TYR B 457 -41.22 -5.64 -6.85
N ASP B 458 -41.86 -5.98 -8.01
CA ASP B 458 -43.01 -6.91 -8.10
C ASP B 458 -44.08 -6.65 -7.03
N ASN B 459 -44.35 -5.37 -6.77
CA ASN B 459 -45.35 -4.85 -5.81
C ASN B 459 -45.12 -5.27 -4.37
N LYS B 460 -43.86 -5.60 -4.02
CA LYS B 460 -43.54 -6.00 -2.66
C LYS B 460 -43.03 -4.82 -1.81
N LEU B 461 -42.80 -3.61 -2.42
CA LEU B 461 -42.32 -2.48 -1.65
C LEU B 461 -43.54 -1.67 -1.15
N LYS B 462 -43.61 -1.45 0.18
CA LYS B 462 -44.70 -0.73 0.85
C LYS B 462 -44.31 0.68 1.31
N ALA B 463 -45.27 1.60 1.34
CA ALA B 463 -44.99 2.96 1.77
C ALA B 463 -45.25 3.12 3.27
N HIS B 464 -44.33 3.77 3.95
CA HIS B 464 -44.52 4.16 5.34
C HIS B 464 -45.29 5.51 5.31
N LYS B 465 -44.82 6.46 4.47
CA LYS B 465 -45.47 7.75 4.34
C LYS B 465 -46.76 7.64 3.56
N ASP B 466 -47.65 8.61 3.76
CA ASP B 466 -48.86 8.72 2.94
C ASP B 466 -48.43 9.41 1.59
N LYS B 467 -49.38 9.56 0.65
CA LYS B 467 -49.15 10.32 -0.57
C LYS B 467 -48.91 11.78 -0.14
N SER B 468 -47.91 12.44 -0.73
CA SER B 468 -47.61 13.82 -0.38
C SER B 468 -48.49 14.84 -1.12
N ALA B 469 -49.04 14.44 -2.29
CA ALA B 469 -49.77 15.28 -3.26
C ALA B 469 -48.85 16.33 -3.94
N GLN B 470 -47.51 16.14 -3.83
CA GLN B 470 -46.49 17.01 -4.39
C GLN B 470 -45.60 16.26 -5.37
N CYS B 471 -46.16 15.26 -6.07
CA CYS B 471 -45.44 14.45 -7.06
C CYS B 471 -46.09 14.70 -8.38
N PHE B 472 -45.39 15.38 -9.27
CA PHE B 472 -45.90 15.82 -10.55
C PHE B 472 -45.11 15.30 -11.74
N LYS B 473 -45.82 15.11 -12.86
CA LYS B 473 -45.23 14.64 -14.06
C LYS B 473 -45.73 15.48 -15.24
N MET B 474 -44.85 15.74 -16.18
N MET B 474 -44.83 15.78 -16.18
CA MET B 474 -45.19 16.44 -17.40
CA MET B 474 -45.12 16.53 -17.39
C MET B 474 -44.59 15.68 -18.55
C MET B 474 -44.55 15.75 -18.57
N PHE B 475 -45.31 15.60 -19.65
CA PHE B 475 -44.80 14.95 -20.85
C PHE B 475 -44.36 16.08 -21.81
N TYR B 476 -43.04 16.27 -21.94
CA TYR B 476 -42.53 17.36 -22.77
C TYR B 476 -41.21 16.96 -23.43
N LYS B 477 -41.27 16.60 -24.72
CA LYS B 477 -40.08 16.15 -25.42
C LYS B 477 -39.00 17.23 -25.64
N GLY B 478 -39.42 18.50 -25.72
CA GLY B 478 -38.53 19.64 -25.89
C GLY B 478 -37.65 19.57 -27.13
N VAL B 479 -36.37 19.95 -26.99
CA VAL B 479 -35.39 19.96 -28.07
C VAL B 479 -34.10 19.37 -27.54
N ILE B 480 -33.57 18.38 -28.22
CA ILE B 480 -32.34 17.74 -27.79
C ILE B 480 -31.11 18.22 -28.55
N THR B 481 -30.16 18.76 -27.80
CA THR B 481 -28.88 19.14 -28.35
C THR B 481 -27.82 18.22 -27.76
N HIS B 482 -26.70 18.08 -28.45
CA HIS B 482 -25.64 17.20 -28.01
C HIS B 482 -24.31 17.88 -28.04
N ASP B 483 -23.42 17.46 -27.17
CA ASP B 483 -22.01 17.84 -27.23
C ASP B 483 -21.18 16.53 -27.42
N VAL B 484 -19.85 16.56 -27.22
CA VAL B 484 -19.04 15.39 -27.49
C VAL B 484 -19.52 14.10 -26.74
N SER B 485 -19.85 14.18 -25.44
CA SER B 485 -20.27 12.99 -24.68
C SER B 485 -21.59 13.14 -23.87
N SER B 486 -22.45 14.14 -24.19
CA SER B 486 -23.65 14.36 -23.38
C SER B 486 -24.83 14.97 -24.16
N ALA B 487 -26.01 14.99 -23.55
CA ALA B 487 -27.21 15.59 -24.10
C ALA B 487 -27.69 16.77 -23.20
N ILE B 488 -28.39 17.68 -23.84
CA ILE B 488 -28.96 18.89 -23.24
C ILE B 488 -30.38 19.03 -23.81
N ASN B 489 -31.31 19.45 -22.98
CA ASN B 489 -32.68 19.75 -23.36
C ASN B 489 -33.05 21.09 -22.72
N ARG B 490 -32.70 22.19 -23.41
CA ARG B 490 -32.97 23.56 -22.92
C ARG B 490 -34.46 23.80 -22.73
N PRO B 491 -35.37 23.40 -23.64
CA PRO B 491 -36.81 23.57 -23.39
C PRO B 491 -37.33 22.85 -22.14
N GLN B 492 -36.81 21.65 -21.78
CA GLN B 492 -37.20 21.00 -20.51
C GLN B 492 -36.75 21.85 -19.30
N ILE B 493 -35.56 22.48 -19.37
CA ILE B 493 -35.13 23.41 -18.31
C ILE B 493 -36.03 24.67 -18.26
N GLY B 494 -36.42 25.16 -19.42
CA GLY B 494 -37.35 26.28 -19.55
C GLY B 494 -38.69 25.98 -18.89
N VAL B 495 -39.18 24.76 -19.02
CA VAL B 495 -40.41 24.33 -18.37
C VAL B 495 -40.22 24.35 -16.84
N VAL B 496 -39.04 23.94 -16.36
CA VAL B 496 -38.73 23.94 -14.92
C VAL B 496 -38.67 25.38 -14.40
N ARG B 497 -38.07 26.28 -15.19
CA ARG B 497 -37.98 27.71 -14.86
C ARG B 497 -39.39 28.30 -14.71
N GLU B 498 -40.32 28.03 -15.65
CA GLU B 498 -41.70 28.48 -15.55
C GLU B 498 -42.43 27.88 -14.33
N PHE B 499 -42.20 26.59 -14.05
CA PHE B 499 -42.77 25.95 -12.89
C PHE B 499 -42.27 26.61 -11.59
N LEU B 500 -40.96 26.93 -11.51
CA LEU B 500 -40.38 27.54 -10.32
C LEU B 500 -40.94 28.91 -10.05
N THR B 501 -41.24 29.73 -11.11
CA THR B 501 -41.83 31.05 -10.89
C THR B 501 -43.21 30.95 -10.22
N ARG B 502 -44.01 29.92 -10.56
CA ARG B 502 -45.31 29.75 -9.93
C ARG B 502 -45.28 28.86 -8.66
N ASN B 503 -44.14 28.22 -8.33
CA ASN B 503 -43.97 27.28 -7.22
C ASN B 503 -42.67 27.59 -6.49
N PRO B 504 -42.54 28.82 -5.91
CA PRO B 504 -41.27 29.21 -5.28
C PRO B 504 -40.78 28.33 -4.13
N ALA B 505 -41.66 27.56 -3.46
CA ALA B 505 -41.20 26.61 -2.43
C ALA B 505 -40.27 25.55 -3.05
N TRP B 506 -40.42 25.26 -4.34
CA TRP B 506 -39.57 24.30 -5.04
C TRP B 506 -38.17 24.84 -5.31
N ARG B 507 -37.87 26.13 -5.05
CA ARG B 507 -36.50 26.64 -5.22
C ARG B 507 -35.53 25.95 -4.20
N LYS B 508 -36.05 25.20 -3.21
CA LYS B 508 -35.21 24.38 -2.33
C LYS B 508 -34.94 22.95 -2.94
N ALA B 509 -35.28 22.74 -4.23
CA ALA B 509 -35.13 21.43 -4.86
C ALA B 509 -33.71 21.16 -5.41
N VAL B 510 -33.40 19.85 -5.61
CA VAL B 510 -32.19 19.41 -6.27
C VAL B 510 -32.59 19.06 -7.67
N PHE B 511 -31.83 19.49 -8.66
CA PHE B 511 -32.08 19.20 -10.05
C PHE B 511 -31.31 17.92 -10.40
N ILE B 512 -32.02 16.93 -10.92
CA ILE B 512 -31.41 15.68 -11.34
C ILE B 512 -31.75 15.44 -12.81
N SER B 513 -30.79 14.90 -13.55
CA SER B 513 -30.96 14.46 -14.93
C SER B 513 -29.96 13.32 -15.21
N PRO B 514 -30.15 12.55 -16.29
CA PRO B 514 -29.16 11.52 -16.65
C PRO B 514 -27.88 12.07 -17.31
N TYR B 515 -27.76 13.40 -17.53
CA TYR B 515 -26.63 13.97 -18.26
C TYR B 515 -25.89 15.10 -17.53
N ASN B 516 -24.56 15.04 -17.48
CA ASN B 516 -23.78 16.11 -16.88
C ASN B 516 -23.98 17.47 -17.61
N SER B 517 -24.09 17.47 -18.97
CA SER B 517 -24.28 18.72 -19.72
C SER B 517 -25.61 19.35 -19.46
N GLN B 518 -26.67 18.53 -19.37
CA GLN B 518 -27.99 19.03 -19.02
C GLN B 518 -27.93 19.72 -17.59
N ASN B 519 -27.25 19.08 -16.63
CA ASN B 519 -27.06 19.59 -15.27
C ASN B 519 -26.26 20.89 -15.24
N ALA B 520 -25.22 21.00 -16.06
CA ALA B 520 -24.41 22.21 -16.13
C ALA B 520 -25.29 23.41 -16.64
N VAL B 521 -26.12 23.13 -17.65
CA VAL B 521 -27.02 24.15 -18.19
C VAL B 521 -28.11 24.54 -17.13
N ALA B 522 -28.74 23.54 -16.48
CA ALA B 522 -29.74 23.81 -15.47
C ALA B 522 -29.14 24.59 -14.29
N SER B 523 -27.87 24.34 -13.94
CA SER B 523 -27.21 24.99 -12.82
C SER B 523 -27.09 26.50 -13.05
N LYS B 524 -26.80 26.91 -14.30
CA LYS B 524 -26.67 28.32 -14.65
C LYS B 524 -28.06 28.99 -14.78
N ILE B 525 -29.00 28.32 -15.46
CA ILE B 525 -30.34 28.88 -15.66
C ILE B 525 -31.22 28.87 -14.41
N LEU B 526 -31.19 27.79 -13.62
CA LEU B 526 -32.08 27.65 -12.46
C LEU B 526 -31.43 27.98 -11.13
N GLY B 527 -30.13 27.80 -11.02
CA GLY B 527 -29.44 28.02 -9.77
C GLY B 527 -29.67 26.96 -8.70
N LEU B 528 -30.29 25.86 -9.07
CA LEU B 528 -30.50 24.75 -8.16
C LEU B 528 -29.22 23.93 -8.08
N PRO B 529 -28.98 23.27 -6.93
CA PRO B 529 -27.89 22.27 -6.88
C PRO B 529 -28.24 21.12 -7.87
N THR B 530 -27.22 20.55 -8.54
CA THR B 530 -27.44 19.49 -9.53
C THR B 530 -26.70 18.22 -9.16
N GLN B 531 -27.25 17.10 -9.61
CA GLN B 531 -26.73 15.73 -9.44
C GLN B 531 -27.12 14.92 -10.66
N THR B 532 -26.21 14.07 -11.17
CA THR B 532 -26.62 13.12 -12.20
C THR B 532 -27.40 12.04 -11.42
N VAL B 533 -28.14 11.18 -12.12
CA VAL B 533 -28.82 10.09 -11.41
C VAL B 533 -27.80 9.18 -10.68
N ASP B 534 -26.72 8.83 -11.40
CA ASP B 534 -25.64 7.99 -10.89
C ASP B 534 -24.99 8.58 -9.61
N SER B 535 -24.74 9.90 -9.55
CA SER B 535 -24.15 10.48 -8.33
C SER B 535 -25.18 10.75 -7.22
N SER B 536 -26.50 10.69 -7.53
CA SER B 536 -27.52 10.91 -6.50
C SER B 536 -27.75 9.63 -5.67
N GLN B 537 -27.35 8.43 -6.18
CA GLN B 537 -27.54 7.15 -5.48
C GLN B 537 -26.97 7.19 -4.08
N GLY B 538 -27.81 6.82 -3.10
CA GLY B 538 -27.47 6.85 -1.68
C GLY B 538 -27.79 8.16 -0.96
N SER B 539 -28.17 9.22 -1.72
CA SER B 539 -28.55 10.53 -1.18
C SER B 539 -30.07 10.78 -1.21
N GLU B 540 -30.54 11.70 -0.35
CA GLU B 540 -31.95 12.02 -0.32
C GLU B 540 -32.19 13.50 -0.14
N TYR B 541 -33.25 14.01 -0.74
CA TYR B 541 -33.58 15.42 -0.73
C TYR B 541 -35.08 15.59 -0.56
N ASP B 542 -35.52 16.69 0.06
CA ASP B 542 -36.93 16.99 0.23
C ASP B 542 -37.63 17.09 -1.13
N TYR B 543 -37.07 17.89 -2.05
CA TYR B 543 -37.68 18.07 -3.35
C TYR B 543 -36.71 17.79 -4.44
N VAL B 544 -37.17 17.13 -5.47
CA VAL B 544 -36.36 16.76 -6.59
C VAL B 544 -37.03 17.21 -7.85
N ILE B 545 -36.26 17.78 -8.77
CA ILE B 545 -36.75 18.13 -10.09
C ILE B 545 -35.93 17.32 -11.09
N PHE B 546 -36.58 16.45 -11.82
CA PHE B 546 -35.93 15.56 -12.78
C PHE B 546 -36.35 15.90 -14.19
N THR B 547 -35.38 16.13 -15.10
CA THR B 547 -35.68 16.29 -16.52
C THR B 547 -35.07 15.06 -17.21
N GLN B 548 -35.86 14.25 -17.90
CA GLN B 548 -35.35 13.06 -18.57
C GLN B 548 -34.33 13.34 -19.69
N THR B 549 -34.36 14.57 -20.25
CA THR B 549 -33.47 15.11 -21.33
C THR B 549 -33.72 14.45 -22.71
N THR B 550 -33.58 13.13 -22.79
CA THR B 550 -33.75 12.36 -24.03
C THR B 550 -34.58 11.05 -23.73
N GLU B 551 -34.93 10.27 -24.75
CA GLU B 551 -35.52 8.94 -24.54
C GLU B 551 -34.62 7.88 -25.15
N THR B 552 -33.38 7.85 -24.68
CA THR B 552 -32.37 6.87 -25.04
C THR B 552 -32.44 5.63 -24.10
N ALA B 553 -31.70 4.54 -24.41
CA ALA B 553 -31.58 3.39 -23.50
C ALA B 553 -31.01 3.88 -22.14
N HIS B 554 -30.03 4.82 -22.18
CA HIS B 554 -29.47 5.44 -20.94
C HIS B 554 -30.53 6.14 -20.07
N SER B 555 -31.34 7.03 -20.67
CA SER B 555 -32.29 7.81 -19.88
C SER B 555 -33.56 7.04 -19.53
N CYS B 556 -33.84 5.91 -20.25
CA CYS B 556 -35.01 5.06 -19.99
C CYS B 556 -34.71 3.86 -19.12
N ASN B 557 -33.46 3.70 -18.70
CA ASN B 557 -33.03 2.56 -17.92
C ASN B 557 -33.83 2.50 -16.62
N VAL B 558 -34.52 1.37 -16.36
CA VAL B 558 -35.42 1.32 -15.21
C VAL B 558 -34.70 1.43 -13.90
N ASN B 559 -33.47 0.93 -13.79
CA ASN B 559 -32.73 1.08 -12.52
C ASN B 559 -32.38 2.53 -12.25
N ARG B 560 -31.97 3.24 -13.31
CA ARG B 560 -31.62 4.66 -13.25
C ARG B 560 -32.88 5.46 -12.92
N PHE B 561 -34.00 5.17 -13.58
CA PHE B 561 -35.25 5.86 -13.30
C PHE B 561 -35.70 5.66 -11.83
N ASN B 562 -35.59 4.41 -11.34
CA ASN B 562 -35.88 4.03 -9.95
C ASN B 562 -35.04 4.88 -8.99
N VAL B 563 -33.70 4.96 -9.21
CA VAL B 563 -32.81 5.76 -8.37
C VAL B 563 -33.22 7.23 -8.44
N ALA B 564 -33.48 7.73 -9.63
CA ALA B 564 -33.84 9.13 -9.82
C ALA B 564 -35.05 9.58 -8.96
N ILE B 565 -36.16 8.85 -9.04
CA ILE B 565 -37.37 9.30 -8.37
C ILE B 565 -37.42 8.95 -6.89
N THR B 566 -36.62 7.94 -6.45
CA THR B 566 -36.56 7.57 -5.03
C THR B 566 -35.58 8.43 -4.20
N ARG B 567 -35.04 9.53 -4.78
CA ARG B 567 -34.20 10.46 -4.00
C ARG B 567 -35.06 11.41 -3.16
N ALA B 568 -36.34 11.58 -3.50
CA ALA B 568 -37.29 12.54 -2.91
C ALA B 568 -37.96 12.08 -1.61
N LYS B 569 -37.92 12.93 -0.60
CA LYS B 569 -38.57 12.68 0.69
C LYS B 569 -39.99 13.30 0.69
N VAL B 570 -40.20 14.40 -0.04
CA VAL B 570 -41.46 15.13 0.00
C VAL B 570 -42.16 15.27 -1.37
N GLY B 571 -41.50 15.91 -2.34
CA GLY B 571 -42.09 16.13 -3.65
C GLY B 571 -41.12 15.88 -4.78
N ILE B 572 -41.66 15.65 -5.97
CA ILE B 572 -40.86 15.46 -7.17
C ILE B 572 -41.58 16.01 -8.38
N LEU B 573 -40.85 16.67 -9.27
CA LEU B 573 -41.38 17.13 -10.55
C LEU B 573 -40.59 16.31 -11.60
N CYS B 574 -41.27 15.53 -12.47
CA CYS B 574 -40.62 14.78 -13.51
C CYS B 574 -41.03 15.34 -14.85
N ILE B 575 -40.07 15.89 -15.64
CA ILE B 575 -40.31 16.35 -17.00
C ILE B 575 -39.80 15.18 -17.83
N MET B 576 -40.71 14.44 -18.48
CA MET B 576 -40.46 13.19 -19.17
C MET B 576 -40.41 13.31 -20.67
N SER B 577 -39.58 12.49 -21.27
CA SER B 577 -39.40 12.37 -22.74
C SER B 577 -40.04 11.07 -23.22
N ASP B 578 -39.99 10.03 -22.41
CA ASP B 578 -40.44 8.70 -22.75
C ASP B 578 -41.89 8.48 -22.29
N ARG B 579 -42.79 8.19 -23.24
CA ARG B 579 -44.19 7.96 -22.95
C ARG B 579 -44.39 6.79 -21.99
N ASP B 580 -43.61 5.73 -22.16
CA ASP B 580 -43.66 4.50 -21.36
C ASP B 580 -43.44 4.82 -19.87
N LEU B 581 -42.28 5.39 -19.51
CA LEU B 581 -42.01 5.72 -18.11
C LEU B 581 -42.97 6.81 -17.58
N TYR B 582 -43.39 7.73 -18.46
CA TYR B 582 -44.33 8.80 -18.09
C TYR B 582 -45.67 8.15 -17.64
N ASP B 583 -46.15 7.15 -18.42
CA ASP B 583 -47.42 6.48 -18.07
C ASP B 583 -47.31 5.66 -16.78
N LYS B 584 -46.11 5.08 -16.52
CA LYS B 584 -45.80 4.31 -15.30
C LYS B 584 -45.69 5.16 -14.02
N LEU B 585 -45.49 6.51 -14.12
CA LEU B 585 -45.44 7.40 -12.95
C LEU B 585 -46.86 7.65 -12.35
N GLN B 586 -47.07 7.28 -11.08
CA GLN B 586 -48.35 7.46 -10.39
C GLN B 586 -48.38 8.83 -9.72
N PHE B 587 -48.25 9.84 -10.56
CA PHE B 587 -48.14 11.25 -10.22
C PHE B 587 -49.27 12.01 -10.88
N THR B 588 -49.52 13.21 -10.36
CA THR B 588 -50.48 14.13 -10.92
C THR B 588 -49.84 14.73 -12.17
N SER B 589 -50.53 14.65 -13.32
CA SER B 589 -50.00 15.26 -14.51
C SER B 589 -50.24 16.75 -14.56
N LEU B 590 -49.26 17.50 -15.08
CA LEU B 590 -49.33 18.93 -15.27
C LEU B 590 -49.41 19.20 -16.78
N GLU B 591 -50.05 20.31 -17.17
CA GLU B 591 -50.17 20.65 -18.59
C GLU B 591 -49.00 21.54 -19.06
N ILE B 592 -48.64 21.42 -20.35
CA ILE B 592 -47.56 22.17 -20.98
C ILE B 592 -47.93 23.62 -21.18
N PRO B 593 -47.21 24.56 -20.56
CA PRO B 593 -47.55 25.98 -20.71
C PRO B 593 -47.00 26.66 -21.98
ZN ZN C . -10.28 1.01 47.39
ZN ZN D . 5.35 -3.65 32.47
ZN ZN E . 5.27 -16.67 31.70
P PO4 F . 30.21 -3.88 -3.66
O1 PO4 F . 30.66 -2.49 -3.02
O2 PO4 F . 30.64 -5.00 -2.73
O3 PO4 F . 30.88 -4.18 -5.08
O4 PO4 F . 28.63 -3.86 -3.90
P PO4 G . 29.97 -0.48 0.04
O1 PO4 G . 31.19 0.32 -0.62
O2 PO4 G . 30.46 -1.75 0.69
O3 PO4 G . 29.31 0.41 1.20
O4 PO4 G . 28.83 -0.79 -1.06
N1 LJA H . 1.49 10.18 -17.17
N3 LJA H . -4.16 6.55 -17.31
C4 LJA H . 1.07 9.59 -19.45
C5 LJA H . 0.32 8.99 -20.43
C6 LJA H . -0.89 8.37 -20.13
C7 LJA H . -1.31 8.32 -18.81
C8 LJA H . -0.55 8.91 -17.81
C1 LJA H . 0.76 8.95 -15.18
C2 LJA H . 1.59 10.03 -15.83
C3 LJA H . 0.66 9.52 -18.11
C9 LJA H . -2.86 6.95 -17.42
N2 LJA H . -2.55 7.70 -18.51
O1 LJA H . 2.37 10.70 -15.15
O2 LJA H . -2.03 6.60 -16.57
ZN ZN I . -4.66 -16.47 -25.53
ZN ZN J . -6.21 -27.47 -19.26
ZN ZN K . 13.46 -19.55 -37.88
P PO4 L . -31.22 3.00 3.38
O1 PO4 L . -29.86 2.62 4.12
O2 PO4 L . -30.99 3.96 2.13
O3 PO4 L . -32.11 3.71 4.41
O4 PO4 L . -31.96 1.69 2.84
P PO4 M . -30.55 4.10 -1.34
O1 PO4 M . -29.86 4.40 0.06
O2 PO4 M . -29.54 4.28 -2.57
O3 PO4 M . -31.80 5.05 -1.58
O4 PO4 M . -30.99 2.57 -1.48
#